data_4O4K
#
_entry.id   4O4K
#
_cell.length_a   47.769
_cell.length_b   113.154
_cell.length_c   80.891
_cell.angle_alpha   90.00
_cell.angle_beta   101.47
_cell.angle_gamma   90.00
#
_symmetry.space_group_name_H-M   'P 1 21 1'
#
loop_
_entity.id
_entity.type
_entity.pdbx_description
1 polymer 'Exonuclease, putative'
2 non-polymer 'MANGANESE (II) ION'
3 non-polymer (5~{E})-2-azanylidene-5-[(4-hydroxyphenyl)methylidene]-1,3-thiazolidin-4-one
4 water water
#
_entity_poly.entity_id   1
_entity_poly.type   'polypeptide(L)'
_entity_poly.pdbx_seq_one_letter_code
;MGSDKIHHHHHHVINLKELKILHTSDWHLGVTSWTSSRPVDRREELKKALDKVVEEAEKREVDLILLTGDLLHSRNNPSV
VALHDLLDYLKRMMRTAPVVVLPGNHDWKGLKLFGNFVTSISSDITFVMSFEPVDVEAKRGQKVRILPFPYPDESEALRK
NEGDFRFFLESRLNKLYEEALKKEDFAIFMGHFTVEGLAGYAGIEQGREIIINRALIPSVVDYAALGHIHSFREIQKQPL
TIYPGSLIRIDFGEEADEKGAVFVELKRGEPPRYERIDASPLPLKTLYYKKIDTSALKSIRDFCRNFPGYVRVVYEEDSG
ILPDLMGEIDNLVKIE
;
_entity_poly.pdbx_strand_id   A,B
#
loop_
_chem_comp.id
_chem_comp.type
_chem_comp.name
_chem_comp.formula
2PK non-polymer (5~{E})-2-azanylidene-5-[(4-hydroxyphenyl)methylidene]-1,3-thiazolidin-4-one 'C10 H8 N2 O2 S'
MN non-polymer 'MANGANESE (II) ION' 'Mn 2'
#
# COMPACT_ATOMS: atom_id res chain seq x y z
N ILE A 6 23.85 13.96 13.35
CA ILE A 6 24.63 13.68 12.16
C ILE A 6 23.77 13.72 10.90
N HIS A 7 24.07 12.81 9.97
CA HIS A 7 23.22 12.59 8.81
C HIS A 7 22.63 11.19 8.96
N HIS A 8 21.67 10.87 8.11
CA HIS A 8 21.12 9.52 8.11
C HIS A 8 20.91 9.01 6.70
N HIS A 9 21.95 9.14 5.89
CA HIS A 9 21.97 8.56 4.55
C HIS A 9 23.12 7.56 4.40
N HIS A 10 23.30 7.04 3.19
CA HIS A 10 24.31 6.03 2.99
C HIS A 10 25.69 6.68 3.03
N HIS A 11 26.67 5.91 3.46
CA HIS A 11 28.06 6.34 3.42
C HIS A 11 28.66 6.00 2.07
N HIS A 12 29.78 6.64 1.72
CA HIS A 12 30.44 6.39 0.45
C HIS A 12 31.94 6.21 0.61
N VAL A 13 32.34 4.95 0.68
CA VAL A 13 33.69 4.58 1.04
C VAL A 13 34.44 4.16 -0.21
N ILE A 14 35.60 4.75 -0.43
CA ILE A 14 36.35 4.42 -1.65
C ILE A 14 36.90 2.98 -1.60
N ASN A 15 36.76 2.28 -2.72
CA ASN A 15 37.32 0.95 -2.91
C ASN A 15 36.96 -0.02 -1.80
N LEU A 16 35.70 -0.02 -1.38
CA LEU A 16 35.23 -0.91 -0.33
C LEU A 16 34.73 -2.21 -0.97
N LYS A 17 35.34 -3.32 -0.60
CA LYS A 17 35.08 -4.58 -1.29
C LYS A 17 34.52 -5.60 -0.32
N GLU A 18 33.77 -5.12 0.67
CA GLU A 18 33.14 -5.99 1.66
C GLU A 18 31.65 -5.69 1.70
N LEU A 19 30.85 -6.71 1.98
CA LEU A 19 29.42 -6.52 2.15
C LEU A 19 28.88 -7.37 3.29
N LYS A 20 28.27 -6.72 4.29
CA LYS A 20 27.62 -7.42 5.39
C LYS A 20 26.12 -7.52 5.15
N ILE A 21 25.60 -8.73 5.22
CA ILE A 21 24.21 -9.02 4.88
C ILE A 21 23.48 -9.64 6.06
N LEU A 22 22.26 -9.18 6.30
CA LEU A 22 21.31 -9.89 7.15
C LEU A 22 20.26 -10.49 6.23
N HIS A 23 20.02 -11.78 6.33
CA HIS A 23 19.04 -12.42 5.49
C HIS A 23 18.06 -13.09 6.42
N THR A 24 16.79 -12.69 6.36
CA THR A 24 15.80 -13.37 7.18
C THR A 24 14.60 -13.67 6.31
N SER A 25 13.72 -14.56 6.76
CA SER A 25 12.69 -15.06 5.86
C SER A 25 11.55 -15.75 6.59
N ASP A 26 10.42 -15.92 5.90
CA ASP A 26 9.33 -16.79 6.36
C ASP A 26 8.71 -16.44 7.73
N TRP A 27 8.59 -15.14 7.98
CA TRP A 27 8.07 -14.63 9.24
C TRP A 27 6.69 -15.19 9.62
N HIS A 28 5.84 -15.40 8.62
CA HIS A 28 4.44 -15.77 8.88
C HIS A 28 3.68 -14.85 9.86
N LEU A 29 3.96 -13.57 9.79
CA LEU A 29 3.21 -12.60 10.61
C LEU A 29 1.70 -12.82 10.47
N GLY A 30 1.01 -12.87 11.60
CA GLY A 30 -0.43 -13.03 11.61
C GLY A 30 -0.89 -14.44 11.94
N VAL A 31 0.03 -15.35 12.24
CA VAL A 31 -0.37 -16.73 12.43
C VAL A 31 -0.98 -17.03 13.80
N THR A 32 -2.08 -17.79 13.78
CA THR A 32 -2.60 -18.46 14.96
C THR A 32 -2.50 -19.97 14.71
N SER A 33 -1.84 -20.71 15.61
CA SER A 33 -1.60 -22.13 15.36
C SER A 33 -2.63 -23.00 16.07
N TRP A 34 -2.80 -24.22 15.58
CA TRP A 34 -3.62 -25.24 16.23
C TRP A 34 -5.08 -24.84 16.41
N THR A 35 -5.64 -24.17 15.41
CA THR A 35 -7.00 -23.64 15.53
C THR A 35 -8.04 -24.74 15.74
N SER A 36 -7.75 -25.95 15.28
CA SER A 36 -8.70 -27.06 15.44
C SER A 36 -8.66 -27.73 16.81
N SER A 37 -7.67 -27.39 17.63
CA SER A 37 -7.59 -28.03 18.94
C SER A 37 -7.52 -27.02 20.05
N ARG A 38 -6.59 -26.07 19.93
CA ARG A 38 -6.42 -25.00 20.93
C ARG A 38 -5.67 -23.84 20.32
N PRO A 39 -6.40 -22.88 19.75
CA PRO A 39 -5.77 -21.76 19.02
C PRO A 39 -4.80 -21.03 19.91
N VAL A 40 -3.64 -20.69 19.35
CA VAL A 40 -2.62 -19.96 20.07
C VAL A 40 -2.13 -18.87 19.14
N ASP A 41 -2.32 -17.62 19.54
CA ASP A 41 -1.84 -16.48 18.77
C ASP A 41 -0.33 -16.37 18.91
N ARG A 42 0.40 -16.49 17.80
CA ARG A 42 1.87 -16.56 17.89
C ARG A 42 2.54 -15.18 17.90
N ARG A 43 1.73 -14.12 17.82
CA ARG A 43 2.21 -12.75 17.65
C ARG A 43 3.27 -12.31 18.65
N GLU A 44 3.04 -12.59 19.93
CA GLU A 44 3.94 -12.11 20.97
C GLU A 44 5.29 -12.80 20.86
N GLU A 45 5.28 -14.11 20.76
CA GLU A 45 6.52 -14.87 20.53
C GLU A 45 7.20 -14.41 19.23
N LEU A 46 6.42 -14.20 18.18
CA LEU A 46 7.01 -13.84 16.89
C LEU A 46 7.69 -12.49 16.94
N LYS A 47 7.04 -11.50 17.56
CA LYS A 47 7.64 -10.16 17.68
C LYS A 47 8.92 -10.15 18.51
N LYS A 48 8.97 -10.97 19.57
CA LYS A 48 10.21 -11.13 20.34
C LYS A 48 11.36 -11.57 19.44
N ALA A 49 11.10 -12.58 18.62
CA ALA A 49 12.11 -13.10 17.70
C ALA A 49 12.59 -12.03 16.73
N LEU A 50 11.65 -11.30 16.15
CA LEU A 50 11.97 -10.26 15.18
C LEU A 50 12.78 -9.13 15.82
N ASP A 51 12.40 -8.76 17.05
CA ASP A 51 13.17 -7.79 17.81
C ASP A 51 14.62 -8.26 17.95
N LYS A 52 14.80 -9.51 18.36
CA LYS A 52 16.14 -10.11 18.44
C LYS A 52 16.86 -9.98 17.09
N VAL A 53 16.17 -10.29 16.00
CA VAL A 53 16.84 -10.20 14.70
C VAL A 53 17.22 -8.77 14.37
N VAL A 54 16.29 -7.84 14.60
CA VAL A 54 16.54 -6.43 14.35
C VAL A 54 17.71 -5.89 15.19
N GLU A 55 17.78 -6.29 16.46
CA GLU A 55 18.84 -5.82 17.33
C GLU A 55 20.19 -6.37 16.87
N GLU A 56 20.19 -7.61 16.42
CA GLU A 56 21.44 -8.18 15.89
C GLU A 56 21.91 -7.37 14.68
N ALA A 57 21.00 -7.09 13.75
CA ALA A 57 21.31 -6.30 12.59
C ALA A 57 21.98 -4.98 12.95
N GLU A 58 21.40 -4.28 13.92
CA GLU A 58 21.95 -3.00 14.37
C GLU A 58 23.35 -3.14 14.96
N LYS A 59 23.52 -4.14 15.83
CA LYS A 59 24.82 -4.38 16.46
C LYS A 59 25.89 -4.69 15.40
N ARG A 60 25.57 -5.55 14.44
CA ARG A 60 26.53 -5.93 13.42
C ARG A 60 26.75 -4.86 12.34
N GLU A 61 25.98 -3.79 12.41
CA GLU A 61 26.01 -2.71 11.42
C GLU A 61 26.01 -3.25 9.98
N VAL A 62 25.10 -4.18 9.69
CA VAL A 62 24.96 -4.74 8.36
C VAL A 62 24.77 -3.67 7.29
N ASP A 63 25.11 -4.04 6.06
CA ASP A 63 25.06 -3.12 4.94
C ASP A 63 23.78 -3.25 4.13
N LEU A 64 23.16 -4.42 4.20
CA LEU A 64 22.01 -4.72 3.35
C LEU A 64 21.18 -5.75 4.09
N ILE A 65 19.86 -5.67 3.94
CA ILE A 65 18.98 -6.61 4.60
C ILE A 65 18.10 -7.25 3.52
N LEU A 66 18.06 -8.58 3.49
CA LEU A 66 17.36 -9.30 2.44
C LEU A 66 16.20 -10.03 3.06
N LEU A 67 15.03 -9.87 2.48
CA LEU A 67 13.85 -10.53 3.00
C LEU A 67 13.26 -11.33 1.89
N THR A 68 13.10 -12.62 2.12
CA THR A 68 12.58 -13.52 1.12
C THR A 68 11.38 -14.19 1.76
N GLY A 69 10.70 -15.05 1.04
CA GLY A 69 9.71 -15.90 1.67
C GLY A 69 8.43 -15.27 2.21
N ASP A 70 7.75 -16.00 3.08
CA ASP A 70 6.39 -15.66 3.40
C ASP A 70 6.34 -14.79 4.67
N LEU A 71 6.46 -13.49 4.48
CA LEU A 71 6.45 -12.57 5.65
C LEU A 71 5.08 -12.51 6.29
N LEU A 72 4.05 -12.76 5.50
CA LEU A 72 2.70 -12.80 6.04
C LEU A 72 2.16 -14.20 5.96
N HIS A 73 1.44 -14.61 7.00
CA HIS A 73 0.90 -15.96 7.01
C HIS A 73 -0.27 -16.12 6.05
N SER A 74 -1.15 -15.13 6.03
CA SER A 74 -2.39 -15.23 5.25
C SER A 74 -2.08 -14.94 3.80
N ARG A 75 -2.47 -15.87 2.93
CA ARG A 75 -2.25 -15.74 1.51
C ARG A 75 -2.92 -14.51 0.90
N ASN A 76 -4.22 -14.40 1.09
CA ASN A 76 -5.01 -13.40 0.39
C ASN A 76 -5.64 -12.36 1.32
N ASN A 77 -5.81 -12.70 2.59
CA ASN A 77 -6.50 -11.80 3.50
C ASN A 77 -5.79 -11.52 4.83
N PRO A 78 -4.63 -10.85 4.77
CA PRO A 78 -3.92 -10.55 6.02
C PRO A 78 -4.68 -9.56 6.88
N SER A 79 -4.72 -9.82 8.18
CA SER A 79 -5.38 -8.94 9.11
C SER A 79 -4.65 -7.59 9.15
N VAL A 80 -5.32 -6.60 9.71
CA VAL A 80 -4.76 -5.26 9.88
C VAL A 80 -3.61 -5.30 10.85
N VAL A 81 -3.74 -6.10 11.90
CA VAL A 81 -2.66 -6.21 12.86
C VAL A 81 -1.41 -6.77 12.19
N ALA A 82 -1.61 -7.79 11.35
CA ALA A 82 -0.50 -8.42 10.66
C ALA A 82 0.18 -7.42 9.74
N LEU A 83 -0.60 -6.75 8.91
CA LEU A 83 -0.05 -5.67 8.06
C LEU A 83 0.70 -4.61 8.85
N HIS A 84 0.11 -4.17 9.95
CA HIS A 84 0.73 -3.15 10.76
C HIS A 84 2.09 -3.61 11.29
N ASP A 85 2.17 -4.85 11.77
CA ASP A 85 3.45 -5.38 12.24
C ASP A 85 4.48 -5.44 11.09
N LEU A 86 4.04 -5.92 9.93
CA LEU A 86 4.93 -5.98 8.77
C LEU A 86 5.55 -4.63 8.45
N LEU A 87 4.69 -3.63 8.23
CA LEU A 87 5.15 -2.29 7.87
C LEU A 87 5.96 -1.69 8.97
N ASP A 88 5.62 -2.06 10.20
CA ASP A 88 6.36 -1.58 11.33
C ASP A 88 7.80 -2.14 11.29
N TYR A 89 7.90 -3.45 11.16
CA TYR A 89 9.23 -4.04 11.10
C TYR A 89 9.98 -3.61 9.85
N LEU A 90 9.28 -3.38 8.74
CA LEU A 90 9.99 -2.94 7.55
C LEU A 90 10.67 -1.61 7.82
N LYS A 91 9.98 -0.71 8.52
CA LYS A 91 10.54 0.60 8.81
C LYS A 91 11.75 0.51 9.70
N ARG A 92 11.68 -0.37 10.69
CA ARG A 92 12.77 -0.53 11.63
C ARG A 92 14.03 -0.97 10.90
N MET A 93 13.90 -1.95 10.00
CA MET A 93 15.05 -2.40 9.25
C MET A 93 15.57 -1.31 8.37
N MET A 94 14.66 -0.58 7.73
CA MET A 94 15.09 0.47 6.82
C MET A 94 15.93 1.49 7.55
N ARG A 95 15.67 1.70 8.84
CA ARG A 95 16.48 2.63 9.64
C ARG A 95 17.91 2.10 9.82
N THR A 96 18.07 0.79 9.73
CA THR A 96 19.38 0.18 9.89
C THR A 96 20.17 0.11 8.58
N ALA A 97 19.52 -0.38 7.53
CA ALA A 97 20.22 -0.65 6.26
C ALA A 97 19.18 -0.77 5.16
N PRO A 98 19.59 -0.52 3.91
CA PRO A 98 18.67 -0.74 2.79
C PRO A 98 18.09 -2.16 2.85
N VAL A 99 16.84 -2.29 2.47
CA VAL A 99 16.13 -3.55 2.53
C VAL A 99 15.74 -3.94 1.10
N VAL A 100 15.94 -5.19 0.74
CA VAL A 100 15.46 -5.72 -0.56
C VAL A 100 14.47 -6.82 -0.23
N VAL A 101 13.29 -6.76 -0.81
CA VAL A 101 12.25 -7.69 -0.43
C VAL A 101 11.81 -8.49 -1.64
N LEU A 102 11.80 -9.81 -1.50
CA LEU A 102 11.30 -10.67 -2.57
C LEU A 102 10.05 -11.29 -2.02
N PRO A 103 8.89 -10.88 -2.51
CA PRO A 103 7.62 -11.35 -1.95
C PRO A 103 7.35 -12.80 -2.31
N GLY A 104 6.59 -13.50 -1.47
CA GLY A 104 6.31 -14.90 -1.68
C GLY A 104 5.21 -15.13 -2.70
N ASN A 105 4.49 -16.24 -2.54
CA ASN A 105 3.35 -16.55 -3.39
C ASN A 105 2.13 -15.70 -2.99
N HIS A 106 2.10 -14.45 -3.45
CA HIS A 106 1.00 -13.55 -3.10
C HIS A 106 -0.18 -13.68 -4.05
N ASP A 107 -1.37 -13.38 -3.55
CA ASP A 107 -2.58 -13.42 -4.37
C ASP A 107 -3.01 -12.00 -4.69
N TRP A 108 -3.42 -11.29 -3.64
CA TRP A 108 -3.87 -9.89 -3.71
C TRP A 108 -2.95 -8.98 -4.53
N LYS A 109 -3.55 -8.20 -5.43
CA LYS A 109 -2.79 -7.36 -6.35
C LYS A 109 -2.36 -6.05 -5.67
N GLY A 110 -2.90 -5.79 -4.49
CA GLY A 110 -2.53 -4.61 -3.73
C GLY A 110 -1.03 -4.52 -3.52
N LEU A 111 -0.41 -5.69 -3.36
CA LEU A 111 1.02 -5.75 -3.09
C LEU A 111 1.88 -5.16 -4.21
N LYS A 112 1.63 -5.55 -5.44
CA LYS A 112 2.44 -5.09 -6.57
C LYS A 112 2.44 -3.56 -6.76
N LEU A 113 1.27 -2.94 -6.63
CA LEU A 113 1.19 -1.48 -6.77
C LEU A 113 1.92 -0.83 -5.61
N PHE A 114 1.66 -1.33 -4.40
CA PHE A 114 2.32 -0.86 -3.19
C PHE A 114 3.84 -0.95 -3.34
N GLY A 115 4.31 -2.14 -3.71
CA GLY A 115 5.74 -2.41 -3.73
C GLY A 115 6.46 -1.51 -4.71
N ASN A 116 5.87 -1.34 -5.89
CA ASN A 116 6.43 -0.47 -6.91
C ASN A 116 6.44 0.98 -6.46
N PHE A 117 5.32 1.43 -5.90
CA PHE A 117 5.23 2.84 -5.49
C PHE A 117 6.28 3.12 -4.42
N VAL A 118 6.29 2.25 -3.41
CA VAL A 118 7.20 2.39 -2.29
C VAL A 118 8.66 2.38 -2.75
N THR A 119 8.98 1.46 -3.66
CA THR A 119 10.31 1.40 -4.26
C THR A 119 10.65 2.68 -5.02
N SER A 120 9.67 3.27 -5.72
CA SER A 120 9.93 4.48 -6.50
C SER A 120 10.25 5.67 -5.63
N ILE A 121 9.76 5.70 -4.40
CA ILE A 121 9.88 6.90 -3.60
C ILE A 121 10.89 6.77 -2.47
N SER A 122 11.62 5.67 -2.39
CA SER A 122 12.55 5.49 -1.29
C SER A 122 13.86 4.89 -1.79
N SER A 123 14.96 5.22 -1.11
CA SER A 123 16.26 4.68 -1.46
C SER A 123 16.72 3.65 -0.45
N ASP A 124 15.79 3.19 0.40
CA ASP A 124 16.13 2.23 1.44
C ASP A 124 15.24 1.00 1.48
N ILE A 125 14.31 0.91 0.54
CA ILE A 125 13.58 -0.33 0.34
C ILE A 125 13.30 -0.54 -1.14
N THR A 126 13.46 -1.79 -1.58
CA THR A 126 13.27 -2.16 -2.97
C THR A 126 12.45 -3.44 -2.95
N PHE A 127 11.32 -3.45 -3.64
CA PHE A 127 10.56 -4.67 -3.80
C PHE A 127 10.90 -5.26 -5.17
N VAL A 128 11.37 -6.49 -5.20
CA VAL A 128 11.59 -7.17 -6.49
C VAL A 128 10.44 -8.11 -6.81
N MET A 129 9.54 -7.67 -7.69
CA MET A 129 8.30 -8.39 -7.95
C MET A 129 8.31 -9.13 -9.28
N SER A 130 9.45 -9.12 -9.98
CA SER A 130 9.52 -9.80 -11.27
C SER A 130 10.87 -10.48 -11.48
N PHE A 131 11.16 -10.86 -12.72
CA PHE A 131 12.40 -11.57 -12.98
C PHE A 131 13.48 -10.60 -13.41
N GLU A 132 13.16 -9.31 -13.44
CA GLU A 132 14.11 -8.32 -13.92
C GLU A 132 15.17 -8.05 -12.85
N PRO A 133 16.45 -8.00 -13.26
CA PRO A 133 17.44 -7.64 -12.25
C PRO A 133 17.29 -6.19 -11.84
N VAL A 134 17.76 -5.85 -10.63
CA VAL A 134 17.72 -4.47 -10.14
C VAL A 134 19.02 -4.20 -9.41
N ASP A 135 19.65 -3.07 -9.72
CA ASP A 135 20.86 -2.70 -9.00
C ASP A 135 20.41 -1.89 -7.79
N VAL A 136 21.01 -2.13 -6.63
CA VAL A 136 20.69 -1.35 -5.44
C VAL A 136 21.99 -0.89 -4.78
N GLU A 137 21.90 0.15 -3.97
CA GLU A 137 23.06 0.66 -3.24
C GLU A 137 22.95 0.23 -1.77
N ALA A 138 24.02 -0.33 -1.24
CA ALA A 138 24.00 -0.79 0.16
C ALA A 138 24.44 0.31 1.15
N LYS A 139 24.42 0.00 2.43
CA LYS A 139 24.60 1.02 3.47
C LYS A 139 25.86 1.89 3.28
N ARG A 140 26.98 1.27 2.91
CA ARG A 140 28.20 2.04 2.75
C ARG A 140 28.53 2.34 1.28
N GLY A 141 27.50 2.36 0.44
CA GLY A 141 27.70 2.77 -0.94
C GLY A 141 28.04 1.64 -1.91
N GLN A 142 28.13 0.42 -1.42
CA GLN A 142 28.42 -0.73 -2.31
C GLN A 142 27.33 -0.93 -3.35
N LYS A 143 27.72 -1.14 -4.60
CA LYS A 143 26.77 -1.44 -5.66
C LYS A 143 26.44 -2.94 -5.69
N VAL A 144 25.16 -3.26 -5.56
CA VAL A 144 24.77 -4.67 -5.49
C VAL A 144 23.75 -5.00 -6.56
N ARG A 145 24.03 -6.02 -7.37
CA ARG A 145 23.06 -6.41 -8.39
C ARG A 145 22.21 -7.55 -7.86
N ILE A 146 20.89 -7.40 -7.93
CA ILE A 146 19.98 -8.43 -7.43
C ILE A 146 19.42 -9.21 -8.60
N LEU A 147 19.42 -10.53 -8.49
CA LEU A 147 18.86 -11.40 -9.51
C LEU A 147 17.72 -12.15 -8.87
N PRO A 148 16.50 -11.72 -9.15
CA PRO A 148 15.35 -12.25 -8.41
C PRO A 148 14.67 -13.39 -9.12
N PHE A 149 14.12 -14.32 -8.35
CA PHE A 149 13.42 -15.43 -8.93
C PHE A 149 12.16 -15.66 -8.12
N PRO A 150 11.11 -14.87 -8.40
CA PRO A 150 9.87 -15.02 -7.64
C PRO A 150 9.08 -16.23 -8.13
N TYR A 151 8.05 -16.59 -7.40
CA TYR A 151 7.05 -17.52 -7.90
C TYR A 151 6.47 -16.91 -9.18
N PRO A 152 6.55 -17.65 -10.31
CA PRO A 152 5.95 -17.24 -11.59
C PRO A 152 4.43 -17.12 -11.53
N ASP A 153 3.89 -16.06 -12.11
CA ASP A 153 2.48 -15.69 -11.89
C ASP A 153 1.45 -16.53 -12.66
N GLU A 154 1.56 -16.56 -13.98
CA GLU A 154 0.56 -17.22 -14.80
C GLU A 154 0.97 -18.61 -15.24
N SER A 155 2.26 -18.92 -15.11
CA SER A 155 2.82 -20.16 -15.64
C SER A 155 2.48 -21.41 -14.79
N GLU A 156 2.32 -21.20 -13.49
CA GLU A 156 1.90 -22.27 -12.59
C GLU A 156 0.46 -22.65 -12.91
N ALA A 157 -0.34 -21.66 -13.24
CA ALA A 157 -1.72 -21.86 -13.64
C ALA A 157 -1.86 -21.98 -15.16
N LEU A 158 -0.76 -21.81 -15.89
CA LEU A 158 -0.77 -21.91 -17.35
C LEU A 158 -1.11 -23.30 -17.81
N ARG A 159 -0.92 -24.27 -16.91
CA ARG A 159 -1.17 -25.68 -17.20
C ARG A 159 -0.29 -26.19 -18.34
N LYS A 160 0.73 -25.42 -18.71
CA LYS A 160 1.70 -25.86 -19.70
C LYS A 160 2.37 -27.13 -19.17
N ASN A 161 2.65 -28.07 -20.07
CA ASN A 161 3.25 -29.34 -19.67
C ASN A 161 4.52 -29.16 -18.84
N GLU A 162 4.86 -30.20 -18.08
CA GLU A 162 6.02 -30.17 -17.20
C GLU A 162 7.31 -29.85 -17.97
N GLY A 163 7.39 -30.32 -19.20
CA GLY A 163 8.54 -30.08 -20.04
C GLY A 163 8.74 -28.61 -20.35
N ASP A 164 7.70 -27.97 -20.89
CA ASP A 164 7.77 -26.58 -21.31
C ASP A 164 7.93 -25.64 -20.12
N PHE A 165 7.22 -25.97 -19.05
CA PHE A 165 7.31 -25.19 -17.82
C PHE A 165 8.74 -25.24 -17.30
N ARG A 166 9.29 -26.45 -17.19
CA ARG A 166 10.68 -26.62 -16.76
C ARG A 166 11.61 -25.81 -17.63
N PHE A 167 11.37 -25.81 -18.94
CA PHE A 167 12.22 -25.06 -19.86
C PHE A 167 12.06 -23.56 -19.66
N PHE A 168 10.84 -23.12 -19.38
CA PHE A 168 10.62 -21.71 -19.03
C PHE A 168 11.47 -21.30 -17.82
N LEU A 169 11.39 -22.07 -16.74
CA LEU A 169 12.17 -21.83 -15.54
C LEU A 169 13.67 -21.78 -15.82
N GLU A 170 14.16 -22.78 -16.54
CA GLU A 170 15.59 -22.85 -16.85
C GLU A 170 16.03 -21.64 -17.66
N SER A 171 15.24 -21.26 -18.67
CA SER A 171 15.60 -20.11 -19.49
CA SER A 171 15.57 -20.11 -19.49
C SER A 171 15.62 -18.85 -18.61
N ARG A 172 14.69 -18.76 -17.67
CA ARG A 172 14.71 -17.64 -16.70
C ARG A 172 16.02 -17.62 -15.90
N LEU A 173 16.50 -18.79 -15.49
CA LEU A 173 17.73 -18.83 -14.70
C LEU A 173 18.96 -18.49 -15.53
N ASN A 174 18.91 -18.86 -16.81
CA ASN A 174 20.05 -18.59 -17.72
C ASN A 174 20.18 -17.09 -17.92
N LYS A 175 19.04 -16.44 -18.15
CA LYS A 175 18.97 -14.99 -18.22
C LYS A 175 19.59 -14.37 -16.95
N LEU A 176 19.18 -14.85 -15.78
CA LEU A 176 19.76 -14.34 -14.53
C LEU A 176 21.28 -14.56 -14.51
N TYR A 177 21.73 -15.74 -14.95
CA TYR A 177 23.16 -15.99 -15.03
C TYR A 177 23.85 -14.91 -15.86
N GLU A 178 23.31 -14.63 -17.05
CA GLU A 178 23.97 -13.67 -17.95
C GLU A 178 23.94 -12.28 -17.33
N GLU A 179 22.83 -11.93 -16.71
CA GLU A 179 22.74 -10.62 -16.07
C GLU A 179 23.69 -10.49 -14.89
N ALA A 180 23.95 -11.58 -14.18
CA ALA A 180 24.92 -11.58 -13.09
C ALA A 180 26.35 -11.32 -13.56
N LEU A 181 26.64 -11.68 -14.80
CA LEU A 181 28.00 -11.49 -15.31
C LEU A 181 28.27 -10.02 -15.58
N LYS A 182 27.21 -9.28 -15.89
CA LYS A 182 27.32 -7.85 -16.08
C LYS A 182 27.34 -7.09 -14.75
N LYS A 183 27.80 -7.76 -13.68
CA LYS A 183 27.75 -7.18 -12.34
C LYS A 183 28.86 -6.16 -12.08
N GLU A 184 28.47 -5.09 -11.40
CA GLU A 184 29.42 -4.19 -10.78
C GLU A 184 29.44 -4.64 -9.32
N ASP A 185 30.63 -4.84 -8.76
CA ASP A 185 30.79 -5.30 -7.38
C ASP A 185 30.09 -6.64 -7.09
N PHE A 186 29.10 -6.63 -6.20
CA PHE A 186 28.47 -7.88 -5.77
C PHE A 186 27.20 -8.20 -6.54
N ALA A 187 26.84 -9.47 -6.57
CA ALA A 187 25.59 -9.88 -7.16
C ALA A 187 24.99 -10.88 -6.20
N ILE A 188 23.69 -10.74 -5.93
CA ILE A 188 23.01 -11.65 -5.01
C ILE A 188 21.78 -12.20 -5.69
N PHE A 189 21.57 -13.49 -5.55
CA PHE A 189 20.39 -14.14 -6.10
C PHE A 189 19.36 -14.23 -5.00
N MET A 190 18.09 -14.03 -5.34
CA MET A 190 17.02 -14.20 -4.37
C MET A 190 15.93 -15.01 -5.00
N GLY A 191 15.48 -16.05 -4.32
CA GLY A 191 14.50 -16.92 -4.91
C GLY A 191 13.51 -17.46 -3.91
N HIS A 192 12.36 -17.86 -4.42
CA HIS A 192 11.29 -18.34 -3.58
C HIS A 192 10.76 -19.58 -4.27
N PHE A 193 11.26 -20.73 -3.84
CA PHE A 193 10.94 -22.02 -4.42
C PHE A 193 11.54 -23.15 -3.58
N THR A 194 11.17 -24.38 -3.90
CA THR A 194 11.70 -25.54 -3.19
C THR A 194 12.84 -26.17 -3.96
N VAL A 195 14.03 -26.22 -3.35
CA VAL A 195 15.19 -26.85 -4.00
C VAL A 195 14.96 -28.33 -4.16
N GLU A 196 15.24 -28.85 -5.35
CA GLU A 196 14.99 -30.25 -5.64
C GLU A 196 15.62 -31.20 -4.65
N GLY A 197 14.84 -32.19 -4.23
CA GLY A 197 15.36 -33.25 -3.39
C GLY A 197 15.72 -32.80 -2.00
N LEU A 198 14.94 -31.88 -1.45
CA LEU A 198 15.12 -31.47 -0.06
C LEU A 198 14.64 -32.57 0.86
N ALA A 199 15.32 -32.74 2.00
CA ALA A 199 14.95 -33.74 2.99
C ALA A 199 15.09 -33.19 4.41
N GLY A 200 14.00 -33.09 5.17
CA GLY A 200 12.67 -33.42 4.68
C GLY A 200 11.67 -32.27 4.82
N TYR A 201 12.15 -31.05 4.60
CA TYR A 201 11.26 -29.88 4.59
C TYR A 201 10.46 -29.84 3.29
N ALA A 202 10.92 -30.60 2.29
CA ALA A 202 10.18 -30.76 1.04
C ALA A 202 9.03 -31.74 1.23
N GLY A 203 8.42 -32.12 0.11
CA GLY A 203 7.22 -32.97 0.13
C GLY A 203 6.10 -32.36 0.97
N ILE A 204 6.09 -31.03 1.07
CA ILE A 204 5.02 -30.32 1.76
C ILE A 204 3.80 -30.26 0.85
N GLU A 205 2.61 -30.35 1.44
CA GLU A 205 1.39 -30.38 0.65
C GLU A 205 0.53 -29.12 0.84
N GLN A 206 -0.67 -29.15 0.26
CA GLN A 206 -1.62 -28.05 0.33
C GLN A 206 -1.11 -26.73 -0.24
N GLY A 207 -0.03 -26.79 -1.01
CA GLY A 207 0.51 -25.60 -1.67
C GLY A 207 1.17 -25.96 -3.00
N ARG A 208 0.97 -25.12 -4.02
CA ARG A 208 1.54 -25.35 -5.34
C ARG A 208 3.06 -25.10 -5.36
N GLU A 209 3.82 -26.12 -5.72
CA GLU A 209 5.28 -26.10 -5.52
C GLU A 209 6.11 -25.91 -6.79
N ILE A 210 7.20 -25.17 -6.64
CA ILE A 210 8.14 -24.93 -7.74
C ILE A 210 9.49 -25.54 -7.41
N ILE A 211 9.85 -26.58 -8.16
CA ILE A 211 11.04 -27.35 -7.84
C ILE A 211 12.18 -26.93 -8.74
N ILE A 212 13.30 -26.59 -8.13
CA ILE A 212 14.45 -26.10 -8.86
C ILE A 212 15.71 -26.84 -8.45
N ASN A 213 16.38 -27.45 -9.42
CA ASN A 213 17.64 -28.10 -9.16
C ASN A 213 18.69 -27.08 -8.74
N ARG A 214 19.36 -27.35 -7.63
CA ARG A 214 20.29 -26.39 -7.04
C ARG A 214 21.48 -26.05 -7.91
N ALA A 215 21.77 -26.94 -8.87
CA ALA A 215 22.85 -26.69 -9.81
C ALA A 215 22.50 -25.57 -10.77
N LEU A 216 21.22 -25.27 -10.92
CA LEU A 216 20.76 -24.27 -11.88
C LEU A 216 20.80 -22.83 -11.34
N ILE A 217 21.08 -22.69 -10.04
CA ILE A 217 21.23 -21.37 -9.41
C ILE A 217 22.53 -20.75 -9.94
N PRO A 218 22.44 -19.60 -10.63
CA PRO A 218 23.57 -18.95 -11.29
C PRO A 218 24.83 -19.00 -10.45
N SER A 219 25.84 -19.73 -10.91
CA SER A 219 26.99 -20.04 -10.05
C SER A 219 27.90 -18.83 -9.87
N VAL A 220 27.69 -17.77 -10.65
CA VAL A 220 28.56 -16.60 -10.55
C VAL A 220 28.02 -15.51 -9.60
N VAL A 221 26.98 -15.81 -8.83
CA VAL A 221 26.54 -14.88 -7.78
C VAL A 221 27.38 -15.04 -6.51
N ASP A 222 27.45 -14.00 -5.69
CA ASP A 222 28.24 -14.07 -4.46
C ASP A 222 27.45 -14.71 -3.32
N TYR A 223 26.13 -14.76 -3.47
CA TYR A 223 25.27 -15.35 -2.45
C TYR A 223 23.89 -15.65 -3.02
N ALA A 224 23.28 -16.71 -2.54
CA ALA A 224 21.99 -17.11 -3.04
C ALA A 224 21.03 -17.18 -1.85
N ALA A 225 20.17 -16.17 -1.75
CA ALA A 225 19.22 -16.06 -0.66
C ALA A 225 17.87 -16.68 -1.02
N LEU A 226 17.52 -17.79 -0.38
CA LEU A 226 16.27 -18.46 -0.71
C LEU A 226 15.29 -18.30 0.44
N GLY A 227 14.01 -18.50 0.15
CA GLY A 227 12.98 -18.49 1.18
C GLY A 227 11.91 -19.46 0.74
N HIS A 228 10.90 -19.67 1.61
CA HIS A 228 9.74 -20.57 1.44
C HIS A 228 9.78 -21.80 2.37
N ILE A 229 10.98 -22.25 2.73
CA ILE A 229 11.19 -23.43 3.58
C ILE A 229 11.36 -23.00 5.04
N HIS A 230 10.65 -23.66 5.97
CA HIS A 230 10.63 -23.25 7.38
C HIS A 230 11.88 -23.57 8.21
N SER A 231 12.72 -24.47 7.69
CA SER A 231 13.93 -24.93 8.38
C SER A 231 15.19 -24.29 7.81
N PHE A 232 16.13 -23.92 8.66
CA PHE A 232 17.38 -23.42 8.17
C PHE A 232 18.07 -24.55 7.38
N ARG A 233 18.55 -24.25 6.19
CA ARG A 233 19.32 -25.22 5.40
C ARG A 233 20.48 -24.50 4.77
N GLU A 234 21.66 -25.12 4.78
CA GLU A 234 22.74 -24.65 3.96
C GLU A 234 22.78 -25.54 2.73
N ILE A 235 22.13 -25.09 1.65
CA ILE A 235 21.97 -25.89 0.45
C ILE A 235 23.29 -26.29 -0.24
N GLN A 236 24.20 -25.32 -0.43
CA GLN A 236 25.51 -25.61 -1.01
C GLN A 236 26.45 -24.47 -0.65
N LYS A 237 27.74 -24.64 -0.94
CA LYS A 237 28.77 -23.68 -0.55
C LYS A 237 29.16 -22.73 -1.68
N GLN A 238 28.91 -23.14 -2.91
CA GLN A 238 29.38 -22.40 -4.08
C GLN A 238 28.37 -22.57 -5.20
N PRO A 239 27.54 -21.55 -5.42
CA PRO A 239 27.53 -20.33 -4.61
C PRO A 239 26.87 -20.61 -3.26
N LEU A 240 27.37 -19.98 -2.21
CA LEU A 240 26.76 -20.16 -0.89
C LEU A 240 25.28 -19.91 -1.03
N THR A 241 24.48 -20.94 -0.76
CA THR A 241 23.03 -20.87 -0.92
C THR A 241 22.38 -21.23 0.39
N ILE A 242 21.44 -20.40 0.88
CA ILE A 242 20.85 -20.61 2.22
C ILE A 242 19.36 -20.29 2.33
N TYR A 243 18.61 -21.16 3.02
CA TYR A 243 17.28 -20.82 3.54
C TYR A 243 17.48 -20.49 5.01
N PRO A 244 17.07 -19.29 5.46
CA PRO A 244 17.22 -18.94 6.88
C PRO A 244 16.35 -19.78 7.80
N GLY A 245 15.22 -20.27 7.27
CA GLY A 245 14.17 -20.84 8.08
C GLY A 245 13.25 -19.75 8.65
N SER A 246 12.12 -20.17 9.22
CA SER A 246 11.21 -19.24 9.92
C SER A 246 11.76 -18.85 11.28
N LEU A 247 11.07 -17.96 11.98
CA LEU A 247 11.59 -17.45 13.25
C LEU A 247 10.96 -18.14 14.44
N ILE A 248 9.81 -18.75 14.20
CA ILE A 248 9.16 -19.54 15.24
C ILE A 248 8.86 -20.92 14.69
N ARG A 249 8.62 -21.87 15.58
CA ARG A 249 8.20 -23.20 15.15
C ARG A 249 6.69 -23.15 14.87
N ILE A 250 6.31 -23.15 13.59
CA ILE A 250 4.90 -22.97 13.21
C ILE A 250 4.04 -24.14 13.68
N ASP A 251 4.54 -25.35 13.47
CA ASP A 251 3.82 -26.56 13.87
C ASP A 251 4.80 -27.65 14.30
N PHE A 252 4.27 -28.78 14.72
CA PHE A 252 5.08 -29.78 15.41
C PHE A 252 6.04 -30.56 14.52
N GLY A 253 5.97 -30.36 13.22
CA GLY A 253 6.95 -30.96 12.34
C GLY A 253 8.26 -30.19 12.43
N GLU A 254 8.23 -29.06 13.12
CA GLU A 254 9.42 -28.23 13.25
C GLU A 254 10.02 -28.28 14.65
N GLU A 255 9.75 -29.38 15.33
CA GLU A 255 10.20 -29.59 16.70
C GLU A 255 11.72 -29.57 16.80
N ALA A 256 12.39 -30.18 15.82
CA ALA A 256 13.83 -30.41 15.87
C ALA A 256 14.61 -29.36 15.10
N ASP A 257 13.90 -28.37 14.59
CA ASP A 257 14.47 -27.31 13.76
C ASP A 257 15.32 -26.32 14.52
N GLU A 258 16.22 -25.66 13.81
CA GLU A 258 16.84 -24.45 14.33
C GLU A 258 16.23 -23.23 13.62
N LYS A 259 15.81 -22.25 14.40
CA LYS A 259 15.10 -21.09 13.87
C LYS A 259 15.91 -19.83 14.04
N GLY A 260 15.96 -19.01 13.00
CA GLY A 260 16.59 -17.71 13.12
C GLY A 260 16.80 -17.03 11.79
N ALA A 261 17.79 -16.15 11.75
CA ALA A 261 18.19 -15.48 10.54
C ALA A 261 19.67 -15.82 10.28
N VAL A 262 20.22 -15.31 9.19
CA VAL A 262 21.63 -15.51 8.92
C VAL A 262 22.31 -14.17 8.69
N PHE A 263 23.54 -14.06 9.15
CA PHE A 263 24.41 -12.94 8.83
C PHE A 263 25.45 -13.49 7.85
N VAL A 264 25.70 -12.76 6.76
CA VAL A 264 26.64 -13.21 5.74
C VAL A 264 27.63 -12.09 5.49
N GLU A 265 28.91 -12.43 5.43
CA GLU A 265 29.94 -11.45 5.05
C GLU A 265 30.56 -11.83 3.72
N LEU A 266 30.69 -10.86 2.81
CA LEU A 266 31.31 -11.09 1.52
C LEU A 266 32.49 -10.17 1.40
N LYS A 267 33.59 -10.68 0.85
CA LYS A 267 34.79 -9.91 0.60
C LYS A 267 35.32 -10.42 -0.74
N ARG A 268 35.56 -9.51 -1.68
CA ARG A 268 35.75 -9.87 -3.08
C ARG A 268 36.82 -10.93 -3.36
N GLY A 269 37.91 -10.90 -2.61
CA GLY A 269 39.00 -11.84 -2.86
C GLY A 269 38.96 -13.06 -1.95
N GLU A 270 37.88 -13.20 -1.18
CA GLU A 270 37.78 -14.23 -0.17
C GLU A 270 36.53 -15.05 -0.36
N PRO A 271 36.45 -16.23 0.29
CA PRO A 271 35.19 -16.98 0.26
C PRO A 271 34.15 -16.41 1.25
N PRO A 272 32.86 -16.59 0.94
CA PRO A 272 31.82 -16.05 1.82
C PRO A 272 31.78 -16.75 3.17
N ARG A 273 31.56 -16.01 4.26
CA ARG A 273 31.37 -16.65 5.55
C ARG A 273 30.05 -16.23 6.18
N TYR A 274 29.44 -17.12 6.94
CA TYR A 274 28.17 -16.77 7.59
C TYR A 274 28.04 -17.28 9.02
N GLU A 275 27.27 -16.57 9.83
CA GLU A 275 26.93 -17.04 11.17
C GLU A 275 25.42 -17.08 11.27
N ARG A 276 24.90 -18.10 11.93
CA ARG A 276 23.48 -18.14 12.23
C ARG A 276 23.15 -17.22 13.39
N ILE A 277 22.05 -16.50 13.28
CA ILE A 277 21.52 -15.70 14.37
C ILE A 277 20.31 -16.45 14.89
N ASP A 278 20.42 -17.02 16.08
CA ASP A 278 19.33 -17.86 16.56
C ASP A 278 18.23 -16.99 17.14
N ALA A 279 16.99 -17.35 16.84
CA ALA A 279 15.83 -16.59 17.31
C ALA A 279 15.40 -17.07 18.69
N SER A 280 15.95 -18.21 19.09
CA SER A 280 15.60 -18.90 20.33
C SER A 280 14.09 -18.82 20.61
N PRO A 281 13.29 -19.45 19.76
CA PRO A 281 11.84 -19.42 19.89
C PRO A 281 11.39 -20.47 20.91
N LEU A 282 10.11 -20.51 21.22
CA LEU A 282 9.61 -21.51 22.15
C LEU A 282 9.80 -22.92 21.58
N PRO A 283 10.20 -23.85 22.44
CA PRO A 283 10.38 -25.24 22.02
C PRO A 283 9.03 -25.90 21.82
N LEU A 284 8.99 -26.96 21.02
CA LEU A 284 7.80 -27.78 20.86
C LEU A 284 8.17 -29.20 21.25
N LYS A 285 7.20 -29.99 21.71
CA LYS A 285 7.44 -31.40 22.00
C LYS A 285 6.23 -32.24 21.69
N THR A 286 6.45 -33.40 21.08
CA THR A 286 5.38 -34.36 20.89
C THR A 286 5.64 -35.54 21.81
N LEU A 287 4.61 -35.93 22.53
CA LEU A 287 4.67 -37.12 23.39
C LEU A 287 3.82 -38.21 22.75
N TYR A 288 4.36 -39.45 22.69
CA TYR A 288 3.68 -40.57 22.02
C TYR A 288 3.24 -41.67 22.99
N TYR A 289 2.01 -42.14 22.84
CA TYR A 289 1.52 -43.24 23.67
C TYR A 289 0.62 -44.19 22.86
N LYS A 290 0.54 -45.43 23.30
CA LYS A 290 -0.44 -46.36 22.73
C LYS A 290 -1.83 -45.90 23.16
N LYS A 291 -2.06 -45.96 24.47
CA LYS A 291 -3.31 -45.51 25.09
C LYS A 291 -2.98 -44.48 26.16
N ILE A 292 -3.93 -43.61 26.48
CA ILE A 292 -3.71 -42.70 27.60
C ILE A 292 -4.13 -43.41 28.91
N ASP A 293 -3.23 -44.24 29.42
CA ASP A 293 -3.46 -45.00 30.65
C ASP A 293 -2.90 -44.24 31.84
N THR A 294 -2.86 -44.86 33.02
CA THR A 294 -2.44 -44.14 34.23
C THR A 294 -0.97 -43.74 34.16
N SER A 295 -0.15 -44.60 33.57
CA SER A 295 1.25 -44.30 33.37
C SER A 295 1.44 -43.10 32.44
N ALA A 296 0.69 -43.09 31.33
CA ALA A 296 0.78 -42.01 30.35
C ALA A 296 0.36 -40.66 30.95
N LEU A 297 -0.70 -40.67 31.75
CA LEU A 297 -1.12 -39.46 32.44
C LEU A 297 -0.01 -38.90 33.32
N LYS A 298 0.64 -39.78 34.07
CA LYS A 298 1.78 -39.37 34.89
C LYS A 298 2.86 -38.74 34.01
N SER A 299 3.28 -39.47 32.98
CA SER A 299 4.29 -38.98 32.03
C SER A 299 3.95 -37.60 31.44
N ILE A 300 2.72 -37.45 30.96
CA ILE A 300 2.27 -36.18 30.38
C ILE A 300 2.35 -35.02 31.36
N ARG A 301 1.63 -35.17 32.48
CA ARG A 301 1.57 -34.15 33.53
C ARG A 301 2.95 -33.73 33.99
N ASP A 302 3.84 -34.70 34.19
CA ASP A 302 5.19 -34.46 34.67
C ASP A 302 6.02 -33.70 33.64
N PHE A 303 5.92 -34.10 32.39
CA PHE A 303 6.72 -33.44 31.36
C PHE A 303 6.28 -31.99 31.18
N CYS A 304 4.98 -31.79 30.99
CA CYS A 304 4.48 -30.47 30.63
C CYS A 304 4.70 -29.45 31.73
N ARG A 305 4.85 -29.96 32.96
CA ARG A 305 4.85 -29.14 34.17
C ARG A 305 5.76 -27.94 34.06
N ASN A 306 7.02 -28.17 33.74
CA ASN A 306 7.98 -27.09 33.67
C ASN A 306 8.55 -26.86 32.28
N PHE A 307 7.93 -27.45 31.27
CA PHE A 307 8.32 -27.27 29.87
C PHE A 307 7.89 -25.89 29.38
N PRO A 308 8.86 -25.08 28.92
CA PRO A 308 8.54 -23.69 28.58
C PRO A 308 7.78 -23.52 27.25
N GLY A 309 7.74 -24.55 26.41
CA GLY A 309 7.07 -24.43 25.12
C GLY A 309 5.75 -25.17 25.00
N TYR A 310 5.34 -25.48 23.77
CA TYR A 310 4.05 -26.14 23.54
C TYR A 310 4.17 -27.64 23.25
N VAL A 311 3.14 -28.37 23.66
CA VAL A 311 3.20 -29.82 23.71
C VAL A 311 2.05 -30.41 22.95
N ARG A 312 2.35 -31.43 22.15
CA ARG A 312 1.34 -32.26 21.49
C ARG A 312 1.39 -33.68 22.05
N VAL A 313 0.22 -34.27 22.25
CA VAL A 313 0.16 -35.67 22.59
C VAL A 313 -0.45 -36.44 21.43
N VAL A 314 0.23 -37.52 21.04
CA VAL A 314 -0.25 -38.40 19.98
C VAL A 314 -0.54 -39.76 20.60
N TYR A 315 -1.72 -40.31 20.35
CA TYR A 315 -2.00 -41.65 20.85
C TYR A 315 -2.78 -42.43 19.82
N GLU A 316 -2.91 -43.73 20.03
CA GLU A 316 -3.50 -44.57 18.99
C GLU A 316 -4.95 -44.93 19.25
N GLU A 317 -5.28 -45.23 20.51
CA GLU A 317 -6.60 -45.78 20.82
C GLU A 317 -7.25 -45.16 22.04
N ASP A 318 -8.56 -44.95 21.96
CA ASP A 318 -9.32 -44.50 23.14
C ASP A 318 -9.49 -45.63 24.15
N SER A 319 -9.57 -45.29 25.43
CA SER A 319 -9.73 -46.30 26.45
C SER A 319 -10.46 -45.75 27.67
N GLY A 320 -11.61 -45.13 27.45
CA GLY A 320 -12.34 -44.51 28.53
C GLY A 320 -12.27 -43.00 28.37
N ILE A 321 -13.00 -42.30 29.23
CA ILE A 321 -13.15 -40.87 29.12
C ILE A 321 -11.89 -40.15 29.56
N LEU A 322 -11.35 -39.33 28.67
CA LEU A 322 -10.11 -38.63 28.96
C LEU A 322 -10.40 -37.55 29.98
N PRO A 323 -9.49 -37.40 30.97
CA PRO A 323 -9.65 -36.25 31.87
C PRO A 323 -9.42 -34.96 31.13
N ASP A 324 -9.96 -33.86 31.65
CA ASP A 324 -9.79 -32.56 31.01
C ASP A 324 -8.33 -32.12 31.09
N LEU A 325 -7.48 -32.74 30.29
CA LEU A 325 -6.05 -32.49 30.32
C LEU A 325 -5.72 -31.09 29.85
N MET A 326 -6.47 -30.58 28.88
CA MET A 326 -6.21 -29.24 28.40
C MET A 326 -6.59 -28.21 29.46
N GLY A 327 -7.43 -28.61 30.42
CA GLY A 327 -7.77 -27.77 31.54
C GLY A 327 -6.64 -27.67 32.54
N GLU A 328 -6.15 -28.81 32.98
CA GLU A 328 -5.10 -28.80 34.00
C GLU A 328 -3.74 -28.37 33.47
N ILE A 329 -3.55 -28.48 32.15
CA ILE A 329 -2.25 -28.21 31.53
C ILE A 329 -2.37 -27.17 30.40
N ASP A 330 -2.00 -25.91 30.67
CA ASP A 330 -2.27 -24.83 29.72
C ASP A 330 -1.30 -24.85 28.55
N ASN A 331 -0.36 -25.77 28.65
CA ASN A 331 0.77 -25.96 27.75
C ASN A 331 0.45 -26.95 26.62
N LEU A 332 -0.60 -27.71 26.86
CA LEU A 332 -0.97 -28.81 26.00
C LEU A 332 -1.93 -28.30 24.94
N VAL A 333 -1.50 -28.26 23.69
CA VAL A 333 -2.30 -27.59 22.65
C VAL A 333 -2.95 -28.54 21.66
N LYS A 334 -2.71 -29.83 21.83
CA LYS A 334 -3.18 -30.81 20.86
C LYS A 334 -3.04 -32.23 21.36
N ILE A 335 -4.14 -32.96 21.30
CA ILE A 335 -4.20 -34.37 21.62
C ILE A 335 -4.86 -35.02 20.42
N GLU A 336 -4.67 -34.39 19.26
CA GLU A 336 -5.28 -34.78 17.98
C GLU A 336 -6.82 -34.71 17.98
N LEU B 16 10.75 31.38 5.27
CA LEU B 16 10.56 32.26 4.12
C LEU B 16 9.34 33.15 4.34
N LYS B 17 9.06 34.04 3.40
CA LYS B 17 7.90 34.91 3.51
C LYS B 17 6.99 34.81 2.28
N GLU B 18 7.24 33.80 1.45
CA GLU B 18 6.36 33.48 0.32
C GLU B 18 5.99 32.00 0.39
N LEU B 19 4.93 31.64 -0.33
CA LEU B 19 4.53 30.24 -0.45
C LEU B 19 3.60 30.08 -1.66
N LYS B 20 4.11 29.45 -2.71
CA LYS B 20 3.31 29.12 -3.90
C LYS B 20 2.65 27.76 -3.69
N ILE B 21 1.33 27.72 -3.84
CA ILE B 21 0.56 26.50 -3.66
C ILE B 21 -0.16 26.04 -4.94
N LEU B 22 -0.14 24.73 -5.19
CA LEU B 22 -1.04 24.13 -6.18
C LEU B 22 -2.03 23.28 -5.41
N HIS B 23 -3.30 23.65 -5.50
CA HIS B 23 -4.36 22.96 -4.80
C HIS B 23 -5.28 22.36 -5.84
N THR B 24 -5.33 21.04 -5.89
CA THR B 24 -6.24 20.36 -6.79
C THR B 24 -6.97 19.28 -6.01
N SER B 25 -8.09 18.82 -6.53
CA SER B 25 -8.99 18.06 -5.69
C SER B 25 -9.98 17.29 -6.54
N ASP B 26 -10.62 16.30 -5.94
CA ASP B 26 -11.75 15.63 -6.57
C ASP B 26 -11.52 15.03 -7.99
N TRP B 27 -10.39 14.36 -8.15
CA TRP B 27 -10.01 13.74 -9.42
C TRP B 27 -10.99 12.68 -9.88
N HIS B 28 -11.59 11.95 -8.94
CA HIS B 28 -12.46 10.83 -9.27
C HIS B 28 -11.83 9.80 -10.24
N LEU B 29 -10.57 9.49 -10.01
CA LEU B 29 -9.91 8.50 -10.85
C LEU B 29 -10.68 7.18 -10.79
N GLY B 30 -10.90 6.56 -11.95
CA GLY B 30 -11.66 5.33 -11.99
C GLY B 30 -13.10 5.48 -12.44
N VAL B 31 -13.56 6.70 -12.59
CA VAL B 31 -14.96 6.94 -12.94
C VAL B 31 -15.36 6.47 -14.35
N THR B 32 -16.44 5.71 -14.42
CA THR B 32 -17.16 5.53 -15.67
C THR B 32 -18.50 6.26 -15.51
N SER B 33 -18.83 7.11 -16.47
CA SER B 33 -20.04 7.94 -16.37
C SER B 33 -21.16 7.33 -17.18
N TRP B 34 -22.39 7.71 -16.83
CA TRP B 34 -23.61 7.25 -17.51
C TRP B 34 -23.69 5.74 -17.69
N THR B 35 -23.37 5.01 -16.63
CA THR B 35 -23.36 3.53 -16.65
C THR B 35 -24.75 2.98 -16.90
N SER B 36 -25.75 3.65 -16.34
CA SER B 36 -27.14 3.33 -16.54
C SER B 36 -27.49 3.32 -18.03
N SER B 37 -26.99 4.30 -18.77
CA SER B 37 -27.39 4.45 -20.17
C SER B 37 -26.30 4.10 -21.16
N ARG B 38 -25.19 4.82 -21.12
CA ARG B 38 -24.09 4.54 -22.05
C ARG B 38 -22.73 4.76 -21.40
N PRO B 39 -22.12 3.70 -20.89
CA PRO B 39 -20.89 3.82 -20.10
C PRO B 39 -19.80 4.52 -20.92
N VAL B 40 -19.19 5.54 -20.33
CA VAL B 40 -18.07 6.21 -20.97
C VAL B 40 -16.93 6.22 -19.95
N ASP B 41 -15.88 5.45 -20.22
CA ASP B 41 -14.72 5.37 -19.35
C ASP B 41 -13.96 6.69 -19.49
N ARG B 42 -13.83 7.45 -18.40
CA ARG B 42 -13.33 8.83 -18.49
C ARG B 42 -11.79 8.95 -18.34
N ARG B 43 -11.11 7.81 -18.22
CA ARG B 43 -9.67 7.76 -17.91
C ARG B 43 -8.82 8.62 -18.82
N GLU B 44 -8.97 8.40 -20.12
CA GLU B 44 -8.15 9.11 -21.10
C GLU B 44 -8.32 10.60 -20.94
N GLU B 45 -9.56 11.06 -20.94
CA GLU B 45 -9.81 12.48 -20.72
C GLU B 45 -9.26 12.97 -19.38
N LEU B 46 -9.44 12.17 -18.33
CA LEU B 46 -8.98 12.62 -17.01
C LEU B 46 -7.47 12.72 -16.92
N LYS B 47 -6.76 11.75 -17.51
CA LYS B 47 -5.29 11.77 -17.49
C LYS B 47 -4.77 12.98 -18.25
N LYS B 48 -5.40 13.32 -19.38
CA LYS B 48 -4.99 14.52 -20.13
C LYS B 48 -5.13 15.75 -19.25
N ALA B 49 -6.28 15.90 -18.61
CA ALA B 49 -6.49 17.01 -17.68
C ALA B 49 -5.45 17.01 -16.56
N LEU B 50 -5.18 15.84 -15.98
CA LEU B 50 -4.18 15.78 -14.91
C LEU B 50 -2.82 16.18 -15.44
N ASP B 51 -2.53 15.78 -16.67
CA ASP B 51 -1.24 16.09 -17.27
C ASP B 51 -1.07 17.59 -17.36
N LYS B 52 -2.15 18.28 -17.70
CA LYS B 52 -2.10 19.72 -17.89
C LYS B 52 -1.85 20.39 -16.54
N VAL B 53 -2.54 19.90 -15.52
CA VAL B 53 -2.35 20.42 -14.18
C VAL B 53 -0.93 20.16 -13.68
N VAL B 54 -0.37 18.99 -13.96
CA VAL B 54 0.99 18.73 -13.51
C VAL B 54 1.99 19.69 -14.17
N GLU B 55 1.77 19.97 -15.45
CA GLU B 55 2.69 20.84 -16.18
C GLU B 55 2.68 22.24 -15.61
N GLU B 56 1.49 22.73 -15.29
CA GLU B 56 1.36 24.08 -14.76
C GLU B 56 2.00 24.20 -13.39
N ALA B 57 2.04 23.11 -12.65
CA ALA B 57 2.69 23.13 -11.34
C ALA B 57 4.20 23.22 -11.53
N GLU B 58 4.69 22.59 -12.60
CA GLU B 58 6.12 22.61 -12.91
C GLU B 58 6.51 24.03 -13.31
N LYS B 59 5.78 24.58 -14.28
CA LYS B 59 6.00 25.95 -14.79
C LYS B 59 6.03 27.02 -13.69
N ARG B 60 4.98 27.09 -12.88
CA ARG B 60 4.89 28.10 -11.84
C ARG B 60 5.78 27.78 -10.64
N GLU B 61 6.43 26.61 -10.70
CA GLU B 61 7.35 26.17 -9.64
C GLU B 61 6.76 26.30 -8.25
N VAL B 62 5.73 25.53 -7.98
CA VAL B 62 5.04 25.57 -6.70
C VAL B 62 5.95 25.13 -5.54
N ASP B 63 5.61 25.56 -4.33
CA ASP B 63 6.37 25.17 -3.15
C ASP B 63 5.70 24.00 -2.46
N LEU B 64 4.43 23.79 -2.77
CA LEU B 64 3.62 22.85 -2.03
C LEU B 64 2.38 22.46 -2.83
N ILE B 65 2.05 21.18 -2.81
CA ILE B 65 0.91 20.69 -3.54
C ILE B 65 -0.08 20.13 -2.54
N LEU B 66 -1.33 20.54 -2.66
CA LEU B 66 -2.33 20.15 -1.69
C LEU B 66 -3.41 19.36 -2.42
N LEU B 67 -3.69 18.17 -1.93
CA LEU B 67 -4.67 17.31 -2.56
C LEU B 67 -5.79 17.03 -1.57
N THR B 68 -7.01 17.36 -1.97
CA THR B 68 -8.16 17.14 -1.11
C THR B 68 -9.21 16.42 -1.92
N GLY B 69 -10.34 16.15 -1.29
CA GLY B 69 -11.47 15.60 -2.03
C GLY B 69 -11.26 14.17 -2.47
N ASP B 70 -12.11 13.73 -3.38
CA ASP B 70 -12.13 12.34 -3.76
C ASP B 70 -11.21 12.09 -4.97
N LEU B 71 -9.96 11.73 -4.71
CA LEU B 71 -8.99 11.39 -5.77
C LEU B 71 -9.40 10.12 -6.50
N LEU B 72 -10.06 9.24 -5.78
CA LEU B 72 -10.59 8.05 -6.39
C LEU B 72 -12.10 8.13 -6.45
N HIS B 73 -12.68 7.64 -7.53
CA HIS B 73 -14.14 7.59 -7.64
C HIS B 73 -14.78 6.55 -6.70
N SER B 74 -14.22 5.34 -6.65
CA SER B 74 -14.82 4.28 -5.86
C SER B 74 -14.42 4.33 -4.38
N ARG B 75 -15.42 4.42 -3.51
CA ARG B 75 -15.21 4.46 -2.06
C ARG B 75 -14.57 3.19 -1.51
N ASN B 76 -15.22 2.05 -1.72
CA ASN B 76 -14.75 0.80 -1.13
C ASN B 76 -13.99 -0.13 -2.07
N ASN B 77 -14.21 -0.04 -3.37
CA ASN B 77 -13.54 -0.95 -4.30
C ASN B 77 -12.87 -0.31 -5.53
N PRO B 78 -11.83 0.50 -5.32
CA PRO B 78 -11.17 1.11 -6.48
C PRO B 78 -10.42 0.09 -7.32
N SER B 79 -10.46 0.24 -8.64
CA SER B 79 -9.84 -0.71 -9.54
C SER B 79 -8.30 -0.62 -9.53
N VAL B 80 -7.65 -1.64 -10.04
CA VAL B 80 -6.21 -1.66 -10.08
C VAL B 80 -5.73 -0.56 -10.98
N VAL B 81 -6.37 -0.42 -12.13
CA VAL B 81 -6.06 0.68 -13.03
C VAL B 81 -6.21 2.04 -12.34
N ALA B 82 -7.30 2.22 -11.59
CA ALA B 82 -7.51 3.49 -10.88
C ALA B 82 -6.40 3.72 -9.86
N LEU B 83 -6.15 2.73 -9.01
CA LEU B 83 -5.06 2.82 -8.02
C LEU B 83 -3.71 3.09 -8.66
N HIS B 84 -3.43 2.39 -9.77
CA HIS B 84 -2.16 2.57 -10.46
C HIS B 84 -2.04 4.01 -10.95
N ASP B 85 -3.09 4.52 -11.59
CA ASP B 85 -3.13 5.92 -11.99
C ASP B 85 -2.88 6.88 -10.84
N LEU B 86 -3.53 6.65 -9.70
CA LEU B 86 -3.36 7.54 -8.54
C LEU B 86 -1.91 7.60 -8.10
N LEU B 87 -1.34 6.43 -7.82
CA LEU B 87 0.04 6.34 -7.40
C LEU B 87 0.98 6.96 -8.43
N ASP B 88 0.70 6.72 -9.71
CA ASP B 88 1.46 7.34 -10.79
C ASP B 88 1.41 8.86 -10.66
N TYR B 89 0.21 9.42 -10.59
CA TYR B 89 0.15 10.88 -10.46
C TYR B 89 0.72 11.42 -9.15
N LEU B 90 0.62 10.65 -8.07
CA LEU B 90 1.19 11.13 -6.79
C LEU B 90 2.70 11.28 -6.94
N LYS B 91 3.32 10.32 -7.63
CA LYS B 91 4.76 10.36 -7.87
C LYS B 91 5.11 11.56 -8.72
N ARG B 92 4.32 11.82 -9.78
CA ARG B 92 4.56 13.01 -10.62
C ARG B 92 4.46 14.28 -9.81
N MET B 93 3.43 14.40 -8.98
CA MET B 93 3.30 15.56 -8.10
C MET B 93 4.52 15.67 -7.19
N MET B 94 4.95 14.53 -6.62
CA MET B 94 6.07 14.50 -5.68
C MET B 94 7.38 14.97 -6.30
N ARG B 95 7.56 14.74 -7.58
CA ARG B 95 8.78 15.17 -8.27
C ARG B 95 8.81 16.68 -8.40
N THR B 96 7.65 17.32 -8.35
CA THR B 96 7.61 18.75 -8.56
C THR B 96 7.73 19.52 -7.24
N ALA B 97 7.08 19.01 -6.20
CA ALA B 97 7.05 19.69 -4.92
C ALA B 97 6.44 18.76 -3.89
N PRO B 98 6.75 18.97 -2.61
CA PRO B 98 6.21 18.11 -1.54
C PRO B 98 4.68 18.10 -1.55
N VAL B 99 4.11 16.94 -1.30
CA VAL B 99 2.67 16.79 -1.44
C VAL B 99 2.03 16.56 -0.08
N VAL B 100 0.86 17.15 0.14
CA VAL B 100 0.11 16.88 1.34
C VAL B 100 -1.25 16.37 0.91
N VAL B 101 -1.68 15.26 1.47
CA VAL B 101 -2.89 14.62 1.00
C VAL B 101 -3.88 14.47 2.13
N LEU B 102 -5.06 15.07 1.95
CA LEU B 102 -6.14 14.84 2.88
C LEU B 102 -7.12 13.91 2.21
N PRO B 103 -7.21 12.66 2.68
CA PRO B 103 -8.12 11.70 2.05
C PRO B 103 -9.58 11.95 2.39
N GLY B 104 -10.49 11.54 1.50
CA GLY B 104 -11.91 11.72 1.74
C GLY B 104 -12.51 10.69 2.68
N ASN B 105 -13.44 9.90 2.18
CA ASN B 105 -14.07 8.85 2.97
C ASN B 105 -13.74 7.47 2.40
N HIS B 106 -13.35 6.54 3.27
CA HIS B 106 -12.82 5.26 2.83
C HIS B 106 -13.21 4.05 3.67
N ASP B 107 -13.68 3.03 2.99
CA ASP B 107 -13.98 1.75 3.62
C ASP B 107 -12.67 1.03 3.93
N TRP B 108 -11.84 0.87 2.91
CA TRP B 108 -10.61 0.06 2.99
C TRP B 108 -9.66 0.42 4.15
N LYS B 109 -9.61 -0.48 5.14
CA LYS B 109 -8.88 -0.28 6.38
C LYS B 109 -7.37 -0.22 6.16
N GLY B 110 -6.91 -0.71 5.03
CA GLY B 110 -5.50 -0.67 4.69
C GLY B 110 -4.99 0.75 4.57
N LEU B 111 -5.83 1.63 4.03
CA LEU B 111 -5.44 2.99 3.66
C LEU B 111 -4.73 3.80 4.76
N LYS B 112 -5.19 3.68 6.01
CA LYS B 112 -4.47 4.34 7.10
C LYS B 112 -3.02 3.83 7.14
N LEU B 113 -2.85 2.51 7.06
CA LEU B 113 -1.51 1.89 7.14
C LEU B 113 -0.55 2.33 6.02
N PHE B 114 -1.02 2.22 4.80
CA PHE B 114 -0.31 2.74 3.62
C PHE B 114 0.11 4.17 3.88
N GLY B 115 -0.87 5.02 4.17
CA GLY B 115 -0.64 6.44 4.33
C GLY B 115 0.45 6.76 5.32
N ASN B 116 0.37 6.17 6.50
CA ASN B 116 1.36 6.41 7.52
C ASN B 116 2.73 5.81 7.13
N PHE B 117 2.73 4.63 6.51
CA PHE B 117 4.02 4.02 6.10
C PHE B 117 4.75 4.93 5.15
N VAL B 118 4.06 5.30 4.08
CA VAL B 118 4.57 6.20 3.05
C VAL B 118 5.01 7.55 3.59
N THR B 119 4.20 8.13 4.49
CA THR B 119 4.55 9.44 5.08
C THR B 119 5.83 9.30 5.89
N SER B 120 5.97 8.17 6.57
CA SER B 120 7.13 7.96 7.42
C SER B 120 8.41 7.66 6.63
N ILE B 121 8.31 7.09 5.42
CA ILE B 121 9.52 6.77 4.67
C ILE B 121 9.90 7.83 3.62
N SER B 122 9.02 8.80 3.41
CA SER B 122 9.32 9.86 2.45
C SER B 122 9.14 11.26 3.01
N SER B 123 10.05 12.16 2.63
CA SER B 123 9.95 13.54 3.02
C SER B 123 9.30 14.39 1.92
N ASP B 124 8.69 13.74 0.93
CA ASP B 124 8.06 14.48 -0.18
C ASP B 124 6.56 14.29 -0.23
N ILE B 125 6.04 13.50 0.70
CA ILE B 125 4.60 13.34 0.81
C ILE B 125 4.16 13.08 2.23
N THR B 126 2.98 13.61 2.57
CA THR B 126 2.38 13.41 3.88
C THR B 126 0.90 13.12 3.71
N PHE B 127 0.44 12.01 4.26
CA PHE B 127 -0.97 11.73 4.28
C PHE B 127 -1.51 12.15 5.66
N VAL B 128 -2.43 13.11 5.69
CA VAL B 128 -3.01 13.50 6.97
C VAL B 128 -4.28 12.71 7.23
N MET B 129 -4.16 11.64 8.01
CA MET B 129 -5.27 10.71 8.18
C MET B 129 -6.17 11.04 9.38
N SER B 130 -5.80 12.03 10.17
CA SER B 130 -6.53 12.30 11.42
C SER B 130 -6.89 13.76 11.64
N PHE B 131 -7.45 14.05 12.81
CA PHE B 131 -7.69 15.44 13.22
C PHE B 131 -6.41 16.07 13.74
N GLU B 132 -5.41 15.24 14.02
CA GLU B 132 -4.15 15.71 14.58
C GLU B 132 -3.45 16.63 13.58
N PRO B 133 -3.01 17.80 14.05
CA PRO B 133 -2.25 18.71 13.18
C PRO B 133 -0.89 18.12 12.86
N VAL B 134 -0.28 18.58 11.77
CA VAL B 134 0.98 18.04 11.28
C VAL B 134 1.80 19.17 10.69
N ASP B 135 3.06 19.26 11.07
CA ASP B 135 3.92 20.30 10.51
C ASP B 135 4.76 19.73 9.39
N VAL B 136 4.78 20.42 8.25
CA VAL B 136 5.56 19.96 7.11
C VAL B 136 6.41 21.09 6.57
N GLU B 137 7.35 20.73 5.71
CA GLU B 137 8.28 21.71 5.16
C GLU B 137 8.07 21.82 3.66
N ALA B 138 7.75 23.01 3.21
CA ALA B 138 7.53 23.25 1.78
C ALA B 138 8.86 23.27 1.05
N LYS B 139 8.81 23.42 -0.28
CA LYS B 139 10.00 23.28 -1.12
C LYS B 139 11.12 24.27 -0.81
N ARG B 140 10.76 25.48 -0.43
CA ARG B 140 11.77 26.51 -0.15
C ARG B 140 11.99 26.73 1.34
N GLY B 141 11.69 25.72 2.14
CA GLY B 141 12.00 25.73 3.56
C GLY B 141 10.84 26.14 4.46
N GLN B 142 9.79 26.68 3.87
CA GLN B 142 8.65 27.18 4.63
C GLN B 142 8.09 26.11 5.59
N LYS B 143 7.93 26.47 6.86
CA LYS B 143 7.31 25.58 7.83
C LYS B 143 5.80 25.80 7.80
N VAL B 144 5.06 24.78 7.38
CA VAL B 144 3.62 24.92 7.21
C VAL B 144 2.90 23.99 8.19
N ARG B 145 1.95 24.54 8.93
CA ARG B 145 1.18 23.73 9.85
C ARG B 145 -0.18 23.39 9.25
N ILE B 146 -0.45 22.10 9.13
CA ILE B 146 -1.67 21.62 8.50
C ILE B 146 -2.74 21.34 9.55
N LEU B 147 -3.90 21.98 9.39
CA LEU B 147 -5.04 21.76 10.28
C LEU B 147 -6.09 20.96 9.54
N PRO B 148 -6.10 19.64 9.72
CA PRO B 148 -6.95 18.76 8.91
C PRO B 148 -8.29 18.42 9.52
N PHE B 149 -9.31 18.39 8.68
CA PHE B 149 -10.65 18.05 9.12
C PHE B 149 -11.19 17.00 8.17
N PRO B 150 -10.80 15.72 8.39
CA PRO B 150 -11.28 14.67 7.49
C PRO B 150 -12.73 14.34 7.75
N TYR B 151 -13.34 13.59 6.83
CA TYR B 151 -14.65 13.01 7.08
C TYR B 151 -14.46 12.20 8.34
N PRO B 152 -15.11 12.64 9.43
CA PRO B 152 -14.69 12.18 10.75
C PRO B 152 -15.16 10.79 11.13
N ASP B 153 -15.07 10.54 12.42
CA ASP B 153 -15.62 9.37 13.09
C ASP B 153 -17.13 9.28 12.77
N GLU B 154 -17.76 8.11 12.84
CA GLU B 154 -17.26 6.81 13.32
C GLU B 154 -16.76 6.71 14.77
N SER B 155 -17.53 7.13 15.79
CA SER B 155 -18.89 7.76 15.78
C SER B 155 -19.97 7.20 14.85
N GLU B 156 -20.32 7.98 13.83
CA GLU B 156 -21.28 7.59 12.79
C GLU B 156 -22.64 7.26 13.38
N ALA B 157 -23.05 5.99 13.32
CA ALA B 157 -24.26 5.54 13.98
C ALA B 157 -23.90 4.50 15.04
N LEU B 158 -24.25 4.75 16.31
CA LEU B 158 -25.03 5.91 16.71
C LEU B 158 -24.22 7.19 16.86
N ARG B 159 -24.78 8.29 16.33
CA ARG B 159 -24.18 9.62 16.42
C ARG B 159 -23.77 10.12 17.83
N LYS B 160 -24.62 10.03 18.86
CA LYS B 160 -25.96 9.41 18.80
C LYS B 160 -27.05 10.43 18.49
N ASN B 161 -26.74 11.71 18.67
CA ASN B 161 -27.74 12.75 18.54
C ASN B 161 -27.28 13.88 17.63
N GLU B 162 -28.24 14.56 17.02
CA GLU B 162 -27.96 15.71 16.15
C GLU B 162 -27.19 16.82 16.88
N GLY B 163 -27.64 17.15 18.09
CA GLY B 163 -26.95 18.16 18.87
C GLY B 163 -25.58 17.68 19.30
N ASP B 164 -25.52 16.43 19.73
CA ASP B 164 -24.27 15.85 20.20
C ASP B 164 -23.24 15.76 19.08
N PHE B 165 -23.70 15.44 17.88
CA PHE B 165 -22.82 15.33 16.73
C PHE B 165 -22.23 16.69 16.37
N ARG B 166 -23.10 17.69 16.26
CA ARG B 166 -22.64 19.05 15.98
C ARG B 166 -21.73 19.58 17.09
N PHE B 167 -21.99 19.17 18.33
CA PHE B 167 -21.11 19.55 19.44
C PHE B 167 -19.73 18.92 19.24
N PHE B 168 -19.70 17.64 18.89
CA PHE B 168 -18.45 16.95 18.58
C PHE B 168 -17.64 17.67 17.50
N LEU B 169 -18.31 17.95 16.37
CA LEU B 169 -17.66 18.63 15.25
C LEU B 169 -17.12 20.01 15.63
N GLU B 170 -17.92 20.77 16.39
CA GLU B 170 -17.52 22.12 16.80
C GLU B 170 -16.27 22.06 17.66
N SER B 171 -16.20 21.07 18.54
CA SER B 171 -15.08 20.91 19.44
C SER B 171 -13.78 20.65 18.67
N ARG B 172 -13.87 19.83 17.61
CA ARG B 172 -12.72 19.57 16.73
C ARG B 172 -12.26 20.87 16.09
N LEU B 173 -13.20 21.62 15.53
CA LEU B 173 -12.88 22.89 14.90
C LEU B 173 -12.22 23.87 15.85
N ASN B 174 -12.70 23.89 17.09
CA ASN B 174 -12.11 24.73 18.14
C ASN B 174 -10.69 24.29 18.43
N LYS B 175 -10.51 22.99 18.67
CA LYS B 175 -9.19 22.41 18.85
C LYS B 175 -8.26 22.86 17.72
N LEU B 176 -8.69 22.65 16.48
CA LEU B 176 -7.96 23.15 15.31
C LEU B 176 -7.59 24.64 15.39
N TYR B 177 -8.59 25.49 15.66
CA TYR B 177 -8.34 26.92 15.92
C TYR B 177 -7.17 27.13 16.89
N GLU B 178 -7.20 26.40 18.00
CA GLU B 178 -6.18 26.58 19.03
C GLU B 178 -4.79 26.10 18.60
N GLU B 179 -4.74 24.99 17.88
CA GLU B 179 -3.46 24.45 17.39
C GLU B 179 -2.94 25.33 16.26
N ALA B 180 -3.88 25.91 15.54
CA ALA B 180 -3.61 26.87 14.47
C ALA B 180 -2.85 28.07 15.01
N LEU B 181 -3.19 28.43 16.25
CA LEU B 181 -2.61 29.61 16.90
C LEU B 181 -1.14 29.39 17.20
N LYS B 182 -0.79 28.14 17.52
CA LYS B 182 0.59 27.79 17.81
C LYS B 182 1.31 27.43 16.53
N LYS B 183 1.48 28.41 15.64
CA LYS B 183 2.05 28.14 14.32
C LYS B 183 3.36 28.87 14.06
N GLU B 184 4.16 28.32 13.14
CA GLU B 184 5.49 28.86 12.84
C GLU B 184 5.47 29.87 11.69
N ASP B 185 5.45 29.40 10.44
CA ASP B 185 5.38 30.32 9.29
C ASP B 185 3.98 30.46 8.71
N PHE B 186 3.50 29.40 8.08
CA PHE B 186 2.17 29.42 7.48
C PHE B 186 1.30 28.37 8.13
N ALA B 187 0.00 28.62 8.16
CA ALA B 187 -0.94 27.61 8.62
C ALA B 187 -2.00 27.37 7.54
N ILE B 188 -2.22 26.10 7.21
CA ILE B 188 -3.24 25.77 6.23
C ILE B 188 -4.28 24.79 6.77
N PHE B 189 -5.54 25.15 6.61
CA PHE B 189 -6.66 24.28 6.95
C PHE B 189 -6.92 23.39 5.74
N MET B 190 -7.29 22.15 5.98
CA MET B 190 -7.70 21.26 4.91
C MET B 190 -8.93 20.52 5.39
N GLY B 191 -9.99 20.55 4.62
CA GLY B 191 -11.19 19.89 5.06
C GLY B 191 -11.95 19.18 3.98
N HIS B 192 -12.68 18.16 4.39
CA HIS B 192 -13.48 17.39 3.48
C HIS B 192 -14.93 17.40 3.97
N PHE B 193 -15.68 18.40 3.56
CA PHE B 193 -17.06 18.55 4.00
C PHE B 193 -17.82 19.52 3.11
N THR B 194 -19.12 19.63 3.33
CA THR B 194 -19.96 20.55 2.57
C THR B 194 -20.23 21.80 3.39
N VAL B 195 -19.74 22.95 2.93
CA VAL B 195 -19.97 24.22 3.60
C VAL B 195 -21.47 24.53 3.66
N GLU B 196 -21.98 24.87 4.84
CA GLU B 196 -23.43 25.06 5.01
C GLU B 196 -24.05 26.06 4.05
N GLY B 197 -25.17 25.66 3.46
CA GLY B 197 -25.94 26.53 2.60
C GLY B 197 -25.23 26.82 1.31
N LEU B 198 -24.59 25.80 0.74
CA LEU B 198 -24.03 25.92 -0.60
C LEU B 198 -25.16 25.90 -1.61
N ALA B 199 -25.09 26.78 -2.60
CA ALA B 199 -26.11 26.87 -3.63
C ALA B 199 -26.27 25.56 -4.39
N GLY B 200 -27.40 24.88 -4.15
CA GLY B 200 -27.75 23.65 -4.85
C GLY B 200 -26.61 22.67 -4.99
N TYR B 201 -25.99 22.32 -3.86
CA TYR B 201 -24.81 21.46 -3.87
C TYR B 201 -24.75 20.63 -2.59
N ALA B 202 -24.27 19.39 -2.68
CA ALA B 202 -23.76 18.82 -3.92
C ALA B 202 -24.21 17.38 -4.09
N GLY B 203 -24.82 17.09 -5.24
CA GLY B 203 -25.49 15.81 -5.47
C GLY B 203 -26.45 15.54 -4.34
N ILE B 204 -27.12 16.60 -3.88
CA ILE B 204 -27.99 16.58 -2.71
C ILE B 204 -29.46 16.57 -3.14
N GLU B 205 -30.34 15.94 -2.34
CA GLU B 205 -30.02 15.35 -1.05
C GLU B 205 -29.23 14.05 -1.13
N GLN B 206 -28.13 14.00 -0.37
CA GLN B 206 -27.25 12.83 -0.31
C GLN B 206 -27.83 11.47 0.12
N GLY B 207 -28.65 11.40 1.19
CA GLY B 207 -29.18 12.53 1.94
C GLY B 207 -28.40 12.88 3.22
N ARG B 208 -27.33 12.14 3.52
CA ARG B 208 -26.54 12.38 4.72
C ARG B 208 -25.06 12.68 4.47
N GLU B 209 -24.65 13.88 4.85
CA GLU B 209 -23.25 14.30 4.75
C GLU B 209 -22.89 15.23 5.91
N ILE B 210 -21.60 15.50 6.09
CA ILE B 210 -21.14 16.45 7.10
C ILE B 210 -21.35 17.87 6.61
N ILE B 211 -22.17 18.65 7.33
CA ILE B 211 -22.41 20.05 6.96
C ILE B 211 -21.80 21.00 7.98
N ILE B 212 -20.90 21.86 7.53
CA ILE B 212 -20.25 22.80 8.43
C ILE B 212 -20.51 24.22 7.97
N ASN B 213 -20.64 25.13 8.93
CA ASN B 213 -20.82 26.54 8.62
C ASN B 213 -19.47 27.21 8.45
N ARG B 214 -19.36 28.06 7.43
CA ARG B 214 -18.07 28.64 7.03
C ARG B 214 -17.39 29.45 8.12
N ALA B 215 -18.20 30.01 9.03
CA ALA B 215 -17.69 30.84 10.10
C ALA B 215 -16.91 30.02 11.12
N LEU B 216 -17.21 28.73 11.18
CA LEU B 216 -16.53 27.81 12.11
C LEU B 216 -15.18 27.33 11.56
N ILE B 217 -14.76 27.90 10.44
CA ILE B 217 -13.44 27.59 9.90
C ILE B 217 -12.48 28.58 10.53
N PRO B 218 -11.47 28.07 11.25
CA PRO B 218 -10.55 28.87 12.07
C PRO B 218 -10.04 30.07 11.30
N SER B 219 -10.47 31.27 11.70
CA SER B 219 -10.10 32.49 11.00
C SER B 219 -8.59 32.71 11.00
N VAL B 220 -7.91 32.06 11.93
CA VAL B 220 -6.50 32.29 12.12
C VAL B 220 -5.61 31.39 11.24
N VAL B 221 -6.09 31.05 10.04
CA VAL B 221 -5.24 30.33 9.08
C VAL B 221 -5.01 31.19 7.85
N ASP B 222 -3.98 30.86 7.07
CA ASP B 222 -3.65 31.60 5.86
C ASP B 222 -4.47 31.13 4.66
N TYR B 223 -4.78 29.83 4.61
CA TYR B 223 -5.59 29.30 3.53
C TYR B 223 -6.40 28.11 4.00
N ALA B 224 -7.62 28.01 3.47
CA ALA B 224 -8.50 26.90 3.81
C ALA B 224 -8.84 26.09 2.57
N ALA B 225 -8.08 25.01 2.37
CA ALA B 225 -8.22 24.10 1.24
C ALA B 225 -9.33 23.09 1.46
N LEU B 226 -10.41 23.25 0.72
CA LEU B 226 -11.52 22.34 0.88
C LEU B 226 -11.61 21.41 -0.33
N GLY B 227 -12.20 20.23 -0.13
CA GLY B 227 -12.51 19.33 -1.21
C GLY B 227 -13.87 18.72 -0.93
N HIS B 228 -14.35 17.93 -1.90
CA HIS B 228 -15.59 17.13 -1.87
C HIS B 228 -16.61 17.65 -2.87
N ILE B 229 -16.47 18.91 -3.25
CA ILE B 229 -17.43 19.60 -4.13
C ILE B 229 -16.88 19.59 -5.55
N HIS B 230 -17.72 19.23 -6.52
CA HIS B 230 -17.30 19.08 -7.92
C HIS B 230 -17.04 20.39 -8.66
N SER B 231 -17.66 21.48 -8.21
CA SER B 231 -17.59 22.75 -8.93
C SER B 231 -16.73 23.72 -8.14
N PHE B 232 -15.96 24.55 -8.83
CA PHE B 232 -15.08 25.49 -8.15
C PHE B 232 -15.92 26.47 -7.36
N ARG B 233 -15.45 26.82 -6.17
CA ARG B 233 -16.12 27.83 -5.34
C ARG B 233 -15.11 28.58 -4.49
N GLU B 234 -15.12 29.90 -4.60
CA GLU B 234 -14.47 30.74 -3.59
C GLU B 234 -15.50 30.98 -2.49
N ILE B 235 -15.33 30.29 -1.36
CA ILE B 235 -16.30 30.35 -0.26
C ILE B 235 -16.27 31.68 0.50
N GLN B 236 -15.08 32.15 0.85
CA GLN B 236 -14.93 33.45 1.49
C GLN B 236 -13.50 33.93 1.29
N LYS B 237 -13.21 35.15 1.76
CA LYS B 237 -11.88 35.69 1.50
C LYS B 237 -10.99 35.82 2.75
N GLN B 238 -11.61 35.75 3.92
CA GLN B 238 -10.87 35.82 5.18
C GLN B 238 -11.44 34.84 6.20
N PRO B 239 -10.78 33.69 6.35
CA PRO B 239 -9.60 33.28 5.58
C PRO B 239 -10.02 32.87 4.15
N LEU B 240 -9.14 33.03 3.16
CA LEU B 240 -9.45 32.61 1.80
C LEU B 240 -9.80 31.13 1.77
N THR B 241 -11.00 30.81 1.31
CA THR B 241 -11.49 29.44 1.36
C THR B 241 -11.96 28.98 -0.03
N ILE B 242 -11.32 27.94 -0.57
CA ILE B 242 -11.59 27.50 -1.94
C ILE B 242 -11.82 25.99 -2.11
N TYR B 243 -12.84 25.63 -2.88
CA TYR B 243 -12.98 24.30 -3.43
C TYR B 243 -12.50 24.42 -4.85
N PRO B 244 -11.44 23.71 -5.25
CA PRO B 244 -10.99 23.84 -6.63
C PRO B 244 -11.98 23.22 -7.60
N GLY B 245 -12.77 22.26 -7.13
CA GLY B 245 -13.68 21.50 -7.98
C GLY B 245 -12.97 20.36 -8.71
N SER B 246 -13.71 19.58 -9.51
CA SER B 246 -13.13 18.43 -10.20
C SER B 246 -12.36 18.83 -11.43
N LEU B 247 -11.70 17.87 -12.09
CA LEU B 247 -10.91 18.14 -13.29
C LEU B 247 -11.66 17.87 -14.58
N ILE B 248 -12.71 17.05 -14.51
CA ILE B 248 -13.53 16.83 -15.67
C ILE B 248 -14.96 17.06 -15.29
N ARG B 249 -15.81 17.26 -16.28
CA ARG B 249 -17.22 17.44 -15.99
C ARG B 249 -17.80 16.05 -15.81
N ILE B 250 -18.00 15.68 -14.55
CA ILE B 250 -18.39 14.32 -14.22
C ILE B 250 -19.80 13.97 -14.69
N ASP B 251 -20.72 14.94 -14.60
CA ASP B 251 -22.06 14.76 -15.14
C ASP B 251 -22.64 16.12 -15.58
N PHE B 252 -23.84 16.09 -16.13
CA PHE B 252 -24.36 17.24 -16.84
C PHE B 252 -24.67 18.44 -15.95
N GLY B 253 -24.84 18.20 -14.66
CA GLY B 253 -25.00 19.27 -13.68
C GLY B 253 -23.78 20.18 -13.69
N GLU B 254 -22.69 19.71 -14.29
CA GLU B 254 -21.44 20.47 -14.30
C GLU B 254 -21.15 21.08 -15.67
N GLU B 255 -22.12 20.95 -16.56
CA GLU B 255 -21.99 21.41 -17.94
C GLU B 255 -21.44 22.84 -18.08
N ALA B 256 -21.89 23.75 -17.21
CA ALA B 256 -21.49 25.15 -17.31
C ALA B 256 -20.24 25.49 -16.51
N ASP B 257 -19.71 24.52 -15.76
CA ASP B 257 -18.52 24.79 -14.97
C ASP B 257 -17.30 24.94 -15.85
N GLU B 258 -16.37 25.77 -15.42
CA GLU B 258 -15.01 25.72 -15.94
C GLU B 258 -14.19 24.83 -14.97
N LYS B 259 -13.43 23.88 -15.51
CA LYS B 259 -12.78 22.89 -14.66
C LYS B 259 -11.28 23.07 -14.59
N GLY B 260 -10.71 22.82 -13.41
CA GLY B 260 -9.28 22.84 -13.23
C GLY B 260 -8.87 22.89 -11.77
N ALA B 261 -7.69 23.44 -11.51
CA ALA B 261 -7.19 23.58 -10.15
C ALA B 261 -6.97 25.05 -9.81
N VAL B 262 -6.30 25.28 -8.69
CA VAL B 262 -6.10 26.61 -8.17
C VAL B 262 -4.65 26.82 -7.76
N PHE B 263 -4.03 27.84 -8.34
CA PHE B 263 -2.70 28.27 -7.92
C PHE B 263 -2.82 29.39 -6.90
N VAL B 264 -2.39 29.12 -5.66
CA VAL B 264 -2.50 30.10 -4.59
C VAL B 264 -1.13 30.66 -4.24
N GLU B 265 -1.05 31.98 -4.05
CA GLU B 265 0.20 32.62 -3.69
C GLU B 265 0.09 33.35 -2.36
N LEU B 266 0.82 32.86 -1.37
CA LEU B 266 0.77 33.43 -0.03
C LEU B 266 2.01 34.27 0.23
N LYS B 267 1.81 35.45 0.82
CA LYS B 267 2.93 36.32 1.20
C LYS B 267 2.67 36.83 2.61
N ARG B 268 3.57 36.49 3.53
CA ARG B 268 3.44 36.84 4.94
C ARG B 268 3.21 38.36 5.10
N GLY B 269 2.14 38.71 5.80
CA GLY B 269 1.79 40.10 6.03
C GLY B 269 0.88 40.69 4.97
N GLU B 270 0.91 40.11 3.77
CA GLU B 270 0.11 40.59 2.66
C GLU B 270 -1.15 39.73 2.45
N PRO B 271 -2.18 40.30 1.81
CA PRO B 271 -3.37 39.51 1.48
C PRO B 271 -3.06 38.43 0.43
N PRO B 272 -3.58 37.21 0.64
CA PRO B 272 -3.32 36.11 -0.30
C PRO B 272 -4.00 36.37 -1.64
N ARG B 273 -3.50 35.77 -2.72
CA ARG B 273 -4.14 35.90 -4.02
C ARG B 273 -4.04 34.60 -4.83
N TYR B 274 -5.08 34.28 -5.60
CA TYR B 274 -5.10 33.03 -6.36
C TYR B 274 -5.43 33.21 -7.83
N GLU B 275 -5.14 32.16 -8.61
CA GLU B 275 -5.45 32.11 -10.02
C GLU B 275 -6.04 30.73 -10.36
N ARG B 276 -7.17 30.70 -11.03
CA ARG B 276 -7.71 29.43 -11.50
C ARG B 276 -6.88 28.92 -12.67
N ILE B 277 -6.41 27.69 -12.57
CA ILE B 277 -5.69 27.01 -13.63
C ILE B 277 -6.67 26.14 -14.41
N ASP B 278 -6.79 26.37 -15.71
CA ASP B 278 -7.81 25.71 -16.51
C ASP B 278 -7.30 24.38 -17.02
N ALA B 279 -8.10 23.34 -16.88
CA ALA B 279 -7.69 22.01 -17.29
C ALA B 279 -8.30 21.60 -18.63
N SER B 280 -9.19 22.44 -19.15
CA SER B 280 -9.80 22.25 -20.47
C SER B 280 -10.22 20.82 -20.80
N PRO B 281 -11.10 20.24 -19.96
CA PRO B 281 -11.57 18.88 -20.25
C PRO B 281 -12.64 18.94 -21.33
N LEU B 282 -13.27 17.82 -21.63
CA LEU B 282 -14.27 17.81 -22.70
C LEU B 282 -15.50 18.61 -22.32
N PRO B 283 -16.17 19.22 -23.32
CA PRO B 283 -17.42 19.95 -23.11
C PRO B 283 -18.60 18.99 -23.02
N LEU B 284 -19.64 19.38 -22.28
CA LEU B 284 -20.90 18.65 -22.28
C LEU B 284 -21.96 19.61 -22.81
N LYS B 285 -23.00 19.04 -23.42
CA LYS B 285 -24.09 19.85 -23.91
C LYS B 285 -25.40 19.13 -23.69
N THR B 286 -26.36 19.84 -23.08
CA THR B 286 -27.71 19.33 -23.03
C THR B 286 -28.56 20.04 -24.10
N LEU B 287 -29.33 19.27 -24.86
CA LEU B 287 -30.21 19.81 -25.88
C LEU B 287 -31.63 19.65 -25.36
N TYR B 288 -32.40 20.73 -25.31
CA TYR B 288 -33.76 20.64 -24.80
C TYR B 288 -34.77 20.75 -25.94
N TYR B 289 -35.75 19.86 -25.97
CA TYR B 289 -36.81 19.88 -27.00
C TYR B 289 -38.15 19.61 -26.33
N LYS B 290 -39.21 20.16 -26.91
CA LYS B 290 -40.55 19.93 -26.42
C LYS B 290 -41.00 18.51 -26.76
N LYS B 291 -40.70 18.07 -27.97
CA LYS B 291 -40.97 16.70 -28.38
C LYS B 291 -39.95 16.28 -29.40
N ILE B 292 -39.83 14.98 -29.62
CA ILE B 292 -38.92 14.48 -30.64
C ILE B 292 -39.68 14.22 -31.93
N ASP B 293 -39.62 15.18 -32.86
CA ASP B 293 -40.19 14.99 -34.19
C ASP B 293 -39.05 14.89 -35.19
N THR B 294 -39.37 14.69 -36.48
CA THR B 294 -38.34 14.40 -37.48
C THR B 294 -37.34 15.56 -37.54
N SER B 295 -37.84 16.78 -37.42
CA SER B 295 -36.99 17.95 -37.39
C SER B 295 -36.02 17.90 -36.19
N ALA B 296 -36.52 17.39 -35.06
CA ALA B 296 -35.71 17.22 -33.85
C ALA B 296 -34.61 16.19 -34.06
N LEU B 297 -34.95 15.03 -34.63
CA LEU B 297 -33.97 14.00 -34.97
C LEU B 297 -32.82 14.60 -35.77
N LYS B 298 -33.16 15.40 -36.78
CA LYS B 298 -32.12 15.93 -37.67
C LYS B 298 -31.18 16.89 -36.93
N SER B 299 -31.73 17.80 -36.15
CA SER B 299 -30.87 18.76 -35.46
C SER B 299 -29.99 18.07 -34.42
N ILE B 300 -30.55 17.07 -33.72
CA ILE B 300 -29.77 16.31 -32.75
C ILE B 300 -28.58 15.62 -33.44
N ARG B 301 -28.88 14.83 -34.47
CA ARG B 301 -27.86 14.14 -35.23
C ARG B 301 -26.80 15.11 -35.71
N ASP B 302 -27.23 16.25 -36.27
CA ASP B 302 -26.27 17.22 -36.83
C ASP B 302 -25.43 17.89 -35.76
N PHE B 303 -26.03 18.18 -34.61
CA PHE B 303 -25.26 18.81 -33.55
C PHE B 303 -24.22 17.85 -33.04
N CYS B 304 -24.63 16.61 -32.79
CA CYS B 304 -23.74 15.66 -32.16
C CYS B 304 -22.56 15.34 -33.07
N ARG B 305 -22.80 15.32 -34.38
CA ARG B 305 -21.77 14.99 -35.35
C ARG B 305 -20.64 16.00 -35.29
N ASN B 306 -20.96 17.24 -34.95
CA ASN B 306 -19.99 18.33 -34.94
C ASN B 306 -19.53 18.72 -33.53
N PHE B 307 -20.05 18.02 -32.54
CA PHE B 307 -19.70 18.34 -31.16
C PHE B 307 -18.64 17.41 -30.61
N PRO B 308 -17.48 17.95 -30.25
CA PRO B 308 -16.32 17.20 -29.74
C PRO B 308 -16.45 16.90 -28.25
N GLY B 309 -17.65 16.57 -27.77
CA GLY B 309 -17.86 16.26 -26.36
C GLY B 309 -19.06 15.36 -26.21
N TYR B 310 -19.68 15.33 -25.02
CA TYR B 310 -20.82 14.44 -24.81
C TYR B 310 -22.14 15.19 -24.71
N VAL B 311 -23.22 14.53 -25.15
CA VAL B 311 -24.49 15.20 -25.33
C VAL B 311 -25.60 14.49 -24.60
N ARG B 312 -26.45 15.28 -23.96
CA ARG B 312 -27.66 14.79 -23.29
C ARG B 312 -28.85 15.38 -24.00
N VAL B 313 -29.89 14.59 -24.23
CA VAL B 313 -31.12 15.14 -24.78
C VAL B 313 -32.26 15.00 -23.77
N VAL B 314 -32.87 16.11 -23.41
CA VAL B 314 -34.09 16.00 -22.60
C VAL B 314 -35.30 16.60 -23.31
N TYR B 315 -36.39 15.87 -23.25
CA TYR B 315 -37.59 16.26 -23.95
C TYR B 315 -38.81 15.97 -23.11
N GLU B 316 -39.90 16.64 -23.40
CA GLU B 316 -41.06 16.60 -22.52
C GLU B 316 -42.11 15.62 -22.99
N GLU B 317 -42.65 15.86 -24.17
CA GLU B 317 -43.81 15.12 -24.65
C GLU B 317 -43.43 13.74 -25.14
N ASP B 318 -44.22 12.74 -24.75
CA ASP B 318 -44.04 11.39 -25.30
C ASP B 318 -44.14 11.46 -26.83
N SER B 319 -43.04 11.14 -27.48
CA SER B 319 -42.92 11.26 -28.92
C SER B 319 -43.09 9.88 -29.54
N GLY B 320 -43.85 9.02 -28.88
CA GLY B 320 -44.05 7.66 -29.33
C GLY B 320 -42.73 6.93 -29.45
N ILE B 321 -42.43 6.47 -30.66
CA ILE B 321 -41.17 5.76 -30.90
C ILE B 321 -40.17 6.61 -31.66
N LEU B 322 -38.92 6.58 -31.23
CA LEU B 322 -37.86 7.23 -31.95
C LEU B 322 -36.69 6.28 -32.14
N PRO B 323 -36.12 6.25 -33.36
CA PRO B 323 -34.92 5.48 -33.66
C PRO B 323 -33.89 5.70 -32.58
N ASP B 324 -33.30 4.62 -32.08
CA ASP B 324 -32.30 4.72 -31.03
C ASP B 324 -31.25 5.72 -31.43
N LEU B 325 -31.48 6.96 -31.00
CA LEU B 325 -30.52 8.03 -31.15
C LEU B 325 -29.16 7.59 -30.61
N MET B 326 -29.16 6.92 -29.46
CA MET B 326 -27.90 6.48 -28.86
C MET B 326 -27.18 5.47 -29.75
N GLY B 327 -27.90 4.47 -30.24
CA GLY B 327 -27.31 3.46 -31.11
C GLY B 327 -26.63 4.04 -32.32
N GLU B 328 -27.28 5.02 -32.96
CA GLU B 328 -26.72 5.69 -34.12
C GLU B 328 -25.71 6.78 -33.74
N ILE B 329 -25.83 7.33 -32.54
CA ILE B 329 -25.01 8.48 -32.13
C ILE B 329 -24.04 8.12 -30.98
N ASP B 330 -22.77 7.92 -31.33
CA ASP B 330 -21.73 7.53 -30.37
C ASP B 330 -21.64 8.52 -29.20
N ASN B 331 -22.01 9.77 -29.50
CA ASN B 331 -21.77 10.98 -28.72
C ASN B 331 -22.86 11.30 -27.71
N LEU B 332 -24.00 10.67 -27.91
CA LEU B 332 -25.19 10.98 -27.16
C LEU B 332 -25.26 10.00 -26.02
N VAL B 333 -25.00 10.46 -24.81
CA VAL B 333 -24.78 9.51 -23.73
C VAL B 333 -25.99 9.30 -22.84
N LYS B 334 -26.99 10.16 -22.99
CA LYS B 334 -28.10 10.22 -22.04
C LYS B 334 -29.35 10.85 -22.64
N ILE B 335 -30.49 10.19 -22.45
CA ILE B 335 -31.77 10.72 -22.87
C ILE B 335 -32.76 10.71 -21.72
N GLU B 336 -33.15 11.89 -21.23
CA GLU B 336 -34.07 12.00 -20.11
C GLU B 336 -35.51 12.35 -20.54
MN MN C . 6.31 -19.77 0.21
MN MN D . 6.84 -20.44 4.46
OAB 2PK E . 4.07 -14.67 1.79
CAN 2PK E . 2.95 -14.79 1.32
NAI 2PK E . 2.42 -16.02 1.26
CAM 2PK E . 1.20 -16.02 0.74
NAA 2PK E . 0.47 -17.13 0.56
SAJ 2PK E . 0.78 -14.49 0.36
CAO 2PK E . 2.16 -13.78 0.89
CAD 2PK E . 2.32 -12.45 0.76
CAL 2PK E . 3.46 -11.67 1.03
CAG 2PK E . 3.31 -10.30 0.82
CAE 2PK E . 4.37 -9.42 1.04
CAK 2PK E . 5.59 -9.89 1.50
OAC 2PK E . 6.61 -9.04 1.72
CAF 2PK E . 5.75 -11.25 1.73
CAH 2PK E . 4.69 -12.11 1.49
MN MN F . -16.32 13.21 -0.84
MN MN G . -16.46 14.52 -5.01
OAB 2PK H . -12.40 10.29 -0.98
CAN 2PK H . -12.91 9.37 -1.60
NAI 2PK H . -14.23 9.15 -1.49
CAM 2PK H . -14.65 8.10 -2.21
NAA 2PK H . -15.91 7.69 -2.26
SAJ 2PK H . -13.39 7.44 -2.97
CAO 2PK H . -12.25 8.52 -2.42
CAD 2PK H . -10.96 8.39 -2.78
CAL 2PK H . -9.84 9.15 -2.38
CAG 2PK H . -8.61 8.62 -2.76
CAE 2PK H . -7.42 9.23 -2.42
CAK 2PK H . -7.44 10.38 -1.64
OAC 2PK H . -6.29 10.98 -1.28
CAF 2PK H . -8.65 10.90 -1.21
CAH 2PK H . -9.82 10.27 -1.57
#